data_5HM2
#
_entry.id   5HM2
#
_cell.length_a   53.980
_cell.length_b   53.980
_cell.length_c   318.531
_cell.angle_alpha   90.00
_cell.angle_beta   90.00
_cell.angle_gamma   120.00
#
_symmetry.space_group_name_H-M   'P 32'
#
_entity_poly.entity_id   1
_entity_poly.type   'polypeptide(L)'
_entity_poly.pdbx_seq_one_letter_code
;GSGAPPTDLQKMVMANVKPVELILDGKTVALCCATGVFGTAYLVPRHLFAEKYDKVVLDGRQLDNSDFRVFEFEVKVKGQ
DMMSDAALMVLNRGQRVRDITMHFRDQVHIKKGTPVLGVINNADVGRLIFSGDALTYKDVVVAMDGDTMPGLFAYRAGTK
VGYAGGAVMTKDGAHTVIIGTHSAGGNGVGYCSCVSRSSLLQLKAHIDP
;
_entity_poly.pdbx_strand_id   A,B,C,D,E
#
# COMPACT_ATOMS: atom_id res chain seq x y z
N ASP A 8 -37.85 22.57 -22.62
CA ASP A 8 -38.64 23.32 -23.58
C ASP A 8 -37.98 23.40 -24.96
N LEU A 9 -36.95 24.22 -25.07
CA LEU A 9 -36.07 24.17 -26.23
C LEU A 9 -35.51 22.76 -26.37
N GLN A 10 -34.99 22.23 -25.27
CA GLN A 10 -34.44 20.86 -25.21
C GLN A 10 -35.28 19.83 -26.01
N LYS A 11 -36.60 19.96 -25.94
CA LYS A 11 -37.49 19.02 -26.63
C LYS A 11 -37.46 19.28 -28.13
N MET A 12 -37.39 20.55 -28.52
CA MET A 12 -37.39 20.93 -29.94
C MET A 12 -36.16 20.35 -30.62
N VAL A 13 -35.11 20.13 -29.85
CA VAL A 13 -33.91 19.47 -30.33
C VAL A 13 -34.20 17.99 -30.54
N MET A 14 -34.86 17.37 -29.56
CA MET A 14 -35.29 15.98 -29.67
C MET A 14 -36.13 15.68 -30.91
N ALA A 15 -37.07 16.57 -31.20
CA ALA A 15 -37.90 16.47 -32.40
C ALA A 15 -37.05 16.25 -33.65
N ASN A 16 -35.84 16.80 -33.62
CA ASN A 16 -34.89 16.62 -34.70
C ASN A 16 -34.03 15.36 -34.58
N VAL A 17 -33.79 14.90 -33.35
CA VAL A 17 -32.98 13.72 -33.12
C VAL A 17 -33.70 12.41 -33.49
N LYS A 18 -33.00 11.51 -34.17
CA LYS A 18 -33.60 10.29 -34.69
C LYS A 18 -32.65 9.11 -34.51
N PRO A 19 -33.20 7.91 -34.24
CA PRO A 19 -32.40 6.69 -34.09
C PRO A 19 -31.77 6.26 -35.41
N VAL A 20 -30.46 6.06 -35.39
CA VAL A 20 -29.76 5.60 -36.58
C VAL A 20 -29.15 4.23 -36.35
N GLU A 21 -29.02 3.48 -37.42
CA GLU A 21 -28.45 2.17 -37.34
C GLU A 21 -27.78 1.82 -38.67
N LEU A 22 -26.78 0.95 -38.63
CA LEU A 22 -26.12 0.46 -39.84
C LEU A 22 -26.24 -1.07 -39.97
N ILE A 23 -26.91 -1.58 -41.03
CA ILE A 23 -27.06 -3.04 -41.20
C ILE A 23 -26.18 -3.52 -42.34
N LEU A 24 -25.83 -4.81 -42.28
CA LEU A 24 -25.01 -5.47 -43.26
C LEU A 24 -25.37 -6.95 -43.20
N ASP A 25 -25.86 -7.50 -44.31
CA ASP A 25 -26.32 -8.89 -44.38
C ASP A 25 -27.40 -9.26 -43.35
N GLY A 26 -28.30 -8.33 -43.07
CA GLY A 26 -29.43 -8.60 -42.18
C GLY A 26 -29.21 -8.29 -40.71
N LYS A 27 -27.96 -8.32 -40.27
CA LYS A 27 -27.64 -8.07 -38.86
C LYS A 27 -27.21 -6.67 -38.50
N THR A 28 -27.85 -6.16 -37.45
CA THR A 28 -27.55 -4.85 -36.91
C THR A 28 -26.09 -4.77 -36.49
N VAL A 29 -25.30 -4.12 -37.34
CA VAL A 29 -23.86 -4.00 -37.14
C VAL A 29 -23.51 -2.84 -36.22
N ALA A 30 -24.19 -1.72 -36.40
CA ALA A 30 -23.92 -0.51 -35.62
C ALA A 30 -25.21 0.18 -35.22
N LEU A 31 -25.09 1.28 -34.48
CA LEU A 31 -26.25 1.96 -33.89
C LEU A 31 -25.82 3.27 -33.24
N CYS A 32 -26.52 4.35 -33.55
CA CYS A 32 -26.23 5.66 -32.96
C CYS A 32 -27.40 6.62 -33.16
N CYS A 33 -27.12 7.91 -33.01
CA CYS A 33 -28.11 8.96 -33.19
C CYS A 33 -27.75 9.89 -34.35
N ALA A 34 -28.72 10.70 -34.78
CA ALA A 34 -28.47 11.76 -35.74
C ALA A 34 -29.44 12.91 -35.47
N THR A 35 -28.95 14.13 -35.64
CA THR A 35 -29.75 15.31 -35.31
C THR A 35 -30.07 16.12 -36.56
N GLY A 36 -31.35 16.37 -36.77
CA GLY A 36 -31.78 17.25 -37.86
C GLY A 36 -31.39 18.68 -37.55
N VAL A 37 -30.95 19.39 -38.58
CA VAL A 37 -30.56 20.79 -38.41
C VAL A 37 -31.35 21.70 -39.33
N PHE A 38 -31.67 21.21 -40.52
CA PHE A 38 -32.55 21.92 -41.45
C PHE A 38 -32.92 21.02 -42.61
N GLY A 39 -34.11 21.26 -43.16
CA GLY A 39 -34.59 20.51 -44.31
C GLY A 39 -34.46 19.02 -44.10
N THR A 40 -33.56 18.42 -44.87
CA THR A 40 -33.26 17.00 -44.75
C THR A 40 -31.81 16.73 -44.40
N ALA A 41 -31.18 17.66 -43.69
CA ALA A 41 -29.78 17.54 -43.29
C ALA A 41 -29.65 17.00 -41.86
N TYR A 42 -28.88 15.93 -41.70
CA TYR A 42 -28.70 15.32 -40.38
C TYR A 42 -27.23 15.23 -40.00
N LEU A 43 -26.91 15.75 -38.81
CA LEU A 43 -25.56 15.65 -38.27
C LEU A 43 -25.30 14.20 -37.84
N VAL A 44 -24.19 13.63 -38.31
CA VAL A 44 -23.94 12.20 -38.10
C VAL A 44 -22.49 11.89 -37.77
N PRO A 45 -22.25 10.83 -36.98
CA PRO A 45 -20.89 10.39 -36.67
C PRO A 45 -20.18 9.85 -37.91
N ARG A 46 -19.27 10.65 -38.44
CA ARG A 46 -18.52 10.30 -39.65
C ARG A 46 -17.78 8.97 -39.55
N HIS A 47 -17.19 8.69 -38.39
CA HIS A 47 -16.34 7.50 -38.20
C HIS A 47 -17.11 6.19 -38.28
N LEU A 48 -18.38 6.26 -38.64
CA LEU A 48 -19.24 5.09 -38.79
C LEU A 48 -19.50 4.81 -40.27
N PHE A 49 -19.57 5.87 -41.06
CA PHE A 49 -19.74 5.72 -42.50
C PHE A 49 -18.41 5.33 -43.14
N ALA A 50 -17.33 5.43 -42.36
CA ALA A 50 -16.03 4.94 -42.78
C ALA A 50 -16.09 3.42 -42.91
N GLU A 51 -16.33 2.74 -41.79
CA GLU A 51 -16.55 1.30 -41.82
C GLU A 51 -17.81 0.99 -42.61
N LYS A 52 -17.84 -0.17 -43.27
CA LYS A 52 -18.82 -0.45 -44.30
C LYS A 52 -20.26 -0.60 -43.81
N TYR A 53 -21.20 -0.44 -44.74
CA TYR A 53 -22.60 -0.65 -44.45
C TYR A 53 -23.27 -1.18 -45.71
N ASP A 54 -24.39 -1.87 -45.53
CA ASP A 54 -25.21 -2.30 -46.66
C ASP A 54 -26.46 -1.43 -46.70
N LYS A 55 -27.21 -1.49 -45.62
CA LYS A 55 -28.42 -0.71 -45.47
C LYS A 55 -28.25 0.17 -44.24
N VAL A 56 -29.08 1.21 -44.12
CA VAL A 56 -29.04 2.11 -42.98
C VAL A 56 -30.46 2.50 -42.59
N VAL A 57 -30.80 2.41 -41.31
CA VAL A 57 -32.14 2.79 -40.86
C VAL A 57 -32.18 4.12 -40.10
N LEU A 58 -32.91 5.09 -40.65
CA LEU A 58 -33.12 6.37 -39.98
C LEU A 58 -34.59 6.49 -39.60
N ASP A 59 -34.88 6.38 -38.30
CA ASP A 59 -36.23 6.49 -37.78
C ASP A 59 -37.22 5.46 -38.35
N GLY A 60 -36.72 4.26 -38.64
CA GLY A 60 -37.58 3.21 -39.16
C GLY A 60 -37.57 3.12 -40.66
N ARG A 61 -37.16 4.20 -41.32
CA ARG A 61 -37.07 4.22 -42.77
C ARG A 61 -35.92 3.35 -43.25
N GLN A 62 -36.24 2.37 -44.09
CA GLN A 62 -35.25 1.40 -44.55
C GLN A 62 -34.49 1.93 -45.77
N LEU A 63 -33.57 2.84 -45.48
CA LEU A 63 -32.70 3.50 -46.46
C LEU A 63 -31.69 2.58 -47.17
N ASP A 64 -31.51 2.77 -48.47
CA ASP A 64 -30.44 2.12 -49.21
C ASP A 64 -29.28 3.09 -49.41
N ASN A 65 -28.10 2.57 -49.72
CA ASN A 65 -26.90 3.40 -49.86
C ASN A 65 -27.05 4.59 -50.82
N SER A 66 -27.75 4.39 -51.94
CA SER A 66 -27.85 5.40 -52.99
C SER A 66 -28.92 6.49 -52.78
N ASP A 67 -29.49 6.57 -51.56
CA ASP A 67 -30.62 7.47 -51.29
C ASP A 67 -30.38 8.71 -50.40
N PHE A 68 -29.12 8.94 -50.05
CA PHE A 68 -28.71 10.04 -49.20
C PHE A 68 -27.29 10.42 -49.61
N ARG A 69 -26.80 11.59 -49.24
CA ARG A 69 -25.40 11.90 -49.52
C ARG A 69 -24.70 12.59 -48.36
N VAL A 70 -23.39 12.34 -48.25
CA VAL A 70 -22.65 12.75 -47.07
C VAL A 70 -21.63 13.84 -47.34
N PHE A 71 -21.65 14.84 -46.46
CA PHE A 71 -20.76 15.99 -46.56
C PHE A 71 -19.77 15.96 -45.40
N GLU A 72 -18.49 16.10 -45.71
CA GLU A 72 -17.50 16.11 -44.64
C GLU A 72 -16.90 17.50 -44.54
N PHE A 73 -16.64 17.94 -43.32
CA PHE A 73 -16.14 19.30 -43.12
C PHE A 73 -14.74 19.28 -42.56
N GLU A 74 -14.01 20.36 -42.77
CA GLU A 74 -12.75 20.54 -42.09
C GLU A 74 -12.94 21.55 -40.96
N VAL A 75 -12.01 21.56 -40.01
CA VAL A 75 -12.08 22.49 -38.88
C VAL A 75 -10.70 23.10 -38.70
N LYS A 76 -10.65 24.31 -38.12
CA LYS A 76 -9.38 24.95 -37.88
C LYS A 76 -9.02 24.74 -36.41
N VAL A 77 -8.10 23.79 -36.19
CA VAL A 77 -7.59 23.49 -34.85
C VAL A 77 -6.17 24.06 -34.76
N LYS A 78 -6.03 25.12 -33.97
CA LYS A 78 -4.78 25.89 -33.85
C LYS A 78 -4.28 26.42 -35.19
N GLY A 79 -5.22 26.85 -36.03
CA GLY A 79 -4.86 27.37 -37.34
C GLY A 79 -4.38 26.23 -38.21
N GLN A 80 -4.94 25.05 -38.00
CA GLN A 80 -4.64 23.93 -38.88
C GLN A 80 -5.90 23.20 -39.32
N ASP A 81 -5.82 22.54 -40.46
CA ASP A 81 -7.01 22.06 -41.15
C ASP A 81 -7.22 20.55 -41.06
N MET A 82 -8.20 20.18 -40.25
CA MET A 82 -8.52 18.77 -40.08
C MET A 82 -9.99 18.49 -40.35
N MET A 83 -10.30 17.23 -40.60
CA MET A 83 -11.64 16.84 -41.00
C MET A 83 -12.45 16.40 -39.79
N SER A 84 -13.51 17.16 -39.52
CA SER A 84 -14.40 16.91 -38.39
C SER A 84 -14.98 15.50 -38.41
N ASP A 85 -15.27 14.98 -37.21
CA ASP A 85 -15.88 13.67 -37.09
C ASP A 85 -17.40 13.82 -37.22
N ALA A 86 -17.86 15.06 -37.23
CA ALA A 86 -19.27 15.36 -37.46
C ALA A 86 -19.53 15.54 -38.95
N ALA A 87 -20.19 14.56 -39.55
CA ALA A 87 -20.53 14.63 -40.97
C ALA A 87 -21.97 15.10 -41.16
N LEU A 88 -22.40 15.18 -42.42
CA LEU A 88 -23.76 15.63 -42.72
C LEU A 88 -24.46 14.71 -43.71
N MET A 89 -25.42 13.93 -43.21
CA MET A 89 -26.18 13.03 -44.07
C MET A 89 -27.42 13.73 -44.61
N VAL A 90 -27.43 13.96 -45.93
CA VAL A 90 -28.56 14.63 -46.60
C VAL A 90 -29.31 13.65 -47.51
N LEU A 91 -30.62 13.53 -47.31
CA LEU A 91 -31.44 12.60 -48.08
C LEU A 91 -31.80 13.18 -49.45
N ASN A 92 -31.75 12.35 -50.49
CA ASN A 92 -32.19 12.75 -51.82
C ASN A 92 -33.66 13.15 -51.72
N ARG A 93 -34.42 12.36 -50.98
CA ARG A 93 -35.81 12.69 -50.66
C ARG A 93 -36.15 12.21 -49.25
N GLY A 94 -37.04 12.92 -48.57
CA GLY A 94 -37.37 12.58 -47.21
C GLY A 94 -38.30 13.52 -46.47
N GLN A 95 -38.11 13.60 -45.16
CA GLN A 95 -38.94 14.43 -44.29
C GLN A 95 -38.24 15.69 -43.79
N ARG A 96 -39.03 16.74 -43.58
CA ARG A 96 -38.51 18.00 -43.06
C ARG A 96 -38.24 17.94 -41.56
N VAL A 97 -37.08 18.46 -41.17
CA VAL A 97 -36.77 18.68 -39.77
C VAL A 97 -36.80 20.18 -39.52
N ARG A 98 -36.71 20.58 -38.27
CA ARG A 98 -36.76 22.01 -37.98
C ARG A 98 -35.41 22.63 -38.26
N ASP A 99 -35.44 23.91 -38.60
CA ASP A 99 -34.22 24.68 -38.69
C ASP A 99 -33.85 24.99 -37.26
N ILE A 100 -32.81 24.33 -36.76
CA ILE A 100 -32.25 24.68 -35.46
C ILE A 100 -30.82 25.19 -35.63
N THR A 101 -30.43 25.44 -36.87
CA THR A 101 -29.11 25.99 -37.17
C THR A 101 -28.95 27.39 -36.58
N MET A 102 -30.08 28.03 -36.27
CA MET A 102 -30.08 29.37 -35.70
C MET A 102 -29.55 29.42 -34.28
N HIS A 103 -29.34 28.26 -33.68
CA HIS A 103 -29.02 28.18 -32.26
C HIS A 103 -27.53 27.97 -32.02
N PHE A 104 -26.84 27.45 -33.02
CA PHE A 104 -25.41 27.26 -32.93
C PHE A 104 -24.71 28.61 -32.90
N ARG A 105 -23.40 28.60 -32.65
CA ARG A 105 -22.61 29.81 -32.69
C ARG A 105 -21.26 29.51 -33.33
N ASP A 106 -20.30 30.41 -33.17
CA ASP A 106 -19.01 30.25 -33.83
C ASP A 106 -17.81 30.37 -32.90
N GLN A 107 -17.70 31.49 -32.19
CA GLN A 107 -16.55 31.69 -31.33
C GLN A 107 -16.89 31.41 -29.88
N VAL A 108 -17.43 30.23 -29.60
CA VAL A 108 -17.80 29.90 -28.24
C VAL A 108 -16.68 29.24 -27.43
N HIS A 109 -16.31 29.87 -26.32
CA HIS A 109 -15.42 29.28 -25.35
C HIS A 109 -16.22 29.18 -24.06
N ILE A 110 -16.62 27.96 -23.72
CA ILE A 110 -17.50 27.72 -22.60
C ILE A 110 -16.70 27.63 -21.31
N LYS A 111 -17.28 28.15 -20.24
CA LYS A 111 -16.64 28.19 -18.93
C LYS A 111 -16.68 26.82 -18.30
N LYS A 112 -15.85 26.61 -17.29
CA LYS A 112 -15.82 25.31 -16.61
C LYS A 112 -17.02 25.12 -15.68
N GLY A 113 -17.30 23.85 -15.36
CA GLY A 113 -18.32 23.51 -14.39
C GLY A 113 -19.77 23.70 -14.80
N THR A 114 -20.02 24.37 -15.92
CA THR A 114 -21.39 24.63 -16.37
C THR A 114 -22.12 23.37 -16.81
N PRO A 115 -23.45 23.35 -16.61
CA PRO A 115 -24.27 22.20 -16.99
C PRO A 115 -24.18 21.94 -18.49
N VAL A 116 -24.56 20.73 -18.89
CA VAL A 116 -24.45 20.29 -20.26
C VAL A 116 -25.51 19.21 -20.48
N LEU A 117 -26.27 19.33 -21.57
CA LEU A 117 -27.32 18.35 -21.85
C LEU A 117 -27.05 17.60 -23.13
N GLY A 118 -27.35 16.31 -23.12
CA GLY A 118 -27.07 15.45 -24.25
C GLY A 118 -28.30 14.71 -24.76
N VAL A 119 -29.02 15.35 -25.68
CA VAL A 119 -30.23 14.78 -26.24
C VAL A 119 -29.91 13.53 -27.08
N ILE A 120 -30.42 12.39 -26.64
CA ILE A 120 -30.14 11.11 -27.30
C ILE A 120 -31.45 10.40 -27.70
N ASN A 121 -31.44 9.78 -28.88
CA ASN A 121 -32.58 9.00 -29.36
C ASN A 121 -32.08 7.85 -30.20
N ASN A 122 -32.11 6.64 -29.64
CA ASN A 122 -31.68 5.46 -30.39
C ASN A 122 -32.51 4.22 -30.09
N ALA A 123 -32.06 3.07 -30.58
CA ALA A 123 -32.82 1.84 -30.48
C ALA A 123 -32.51 1.07 -29.20
N ASP A 124 -31.37 1.40 -28.60
CA ASP A 124 -30.99 0.80 -27.32
C ASP A 124 -31.76 1.47 -26.18
N VAL A 125 -31.46 2.75 -25.96
CA VAL A 125 -32.07 3.51 -24.87
C VAL A 125 -33.42 4.12 -25.24
N GLY A 126 -33.45 4.84 -26.36
CA GLY A 126 -34.65 5.54 -26.77
C GLY A 126 -34.44 7.03 -26.55
N ARG A 127 -35.52 7.79 -26.58
CA ARG A 127 -35.42 9.24 -26.37
C ARG A 127 -34.98 9.62 -24.97
N LEU A 128 -33.67 9.83 -24.80
CA LEU A 128 -33.09 10.12 -23.51
C LEU A 128 -32.34 11.44 -23.50
N ILE A 129 -32.25 12.06 -22.33
CA ILE A 129 -31.42 13.22 -22.12
C ILE A 129 -30.44 12.86 -21.01
N PHE A 130 -29.29 13.51 -20.98
CA PHE A 130 -28.38 13.34 -19.85
C PHE A 130 -27.75 14.66 -19.45
N SER A 131 -27.19 14.69 -18.24
CA SER A 131 -26.57 15.90 -17.73
C SER A 131 -25.07 15.71 -17.59
N GLY A 132 -24.35 16.82 -17.49
CA GLY A 132 -22.92 16.76 -17.35
C GLY A 132 -22.30 18.09 -16.97
N ASP A 133 -20.99 18.11 -16.90
CA ASP A 133 -20.25 19.32 -16.51
C ASP A 133 -19.23 19.67 -17.57
N ALA A 134 -19.16 20.95 -17.91
CA ALA A 134 -18.24 21.42 -18.92
C ALA A 134 -16.81 21.44 -18.39
N LEU A 135 -15.90 20.86 -19.15
CA LEU A 135 -14.48 20.91 -18.79
C LEU A 135 -13.81 21.96 -19.67
N THR A 136 -12.99 21.52 -20.61
CA THR A 136 -12.32 22.46 -21.52
C THR A 136 -12.25 21.91 -22.94
N TYR A 137 -11.65 22.68 -23.84
CA TYR A 137 -11.51 22.27 -25.24
C TYR A 137 -10.36 21.30 -25.41
N LYS A 138 -10.64 20.20 -26.10
CA LYS A 138 -9.61 19.24 -26.46
C LYS A 138 -9.29 19.40 -27.95
N ASP A 139 -8.00 19.39 -28.29
CA ASP A 139 -7.58 19.64 -29.65
C ASP A 139 -7.94 18.47 -30.57
N VAL A 140 -7.26 17.35 -30.36
CA VAL A 140 -7.48 16.17 -31.19
C VAL A 140 -7.51 14.94 -30.30
N VAL A 141 -8.36 13.98 -30.65
CA VAL A 141 -8.44 12.71 -29.95
C VAL A 141 -8.43 11.58 -30.97
N VAL A 142 -7.57 10.60 -30.74
CA VAL A 142 -7.42 9.49 -31.69
C VAL A 142 -8.00 8.21 -31.12
N ALA A 143 -8.82 7.54 -31.94
CA ALA A 143 -9.42 6.28 -31.52
C ALA A 143 -8.40 5.15 -31.62
N MET A 144 -8.78 3.96 -31.15
CA MET A 144 -7.89 2.82 -31.15
C MET A 144 -7.56 2.36 -32.56
N ASP A 145 -8.51 2.52 -33.47
CA ASP A 145 -8.33 2.10 -34.86
C ASP A 145 -7.76 3.22 -35.72
N GLY A 146 -7.65 4.40 -35.14
CA GLY A 146 -7.09 5.56 -35.82
C GLY A 146 -8.12 6.57 -36.28
N ASP A 147 -9.38 6.38 -35.87
CA ASP A 147 -10.43 7.32 -36.23
C ASP A 147 -10.19 8.63 -35.49
N THR A 148 -9.44 9.53 -36.11
CA THR A 148 -9.09 10.80 -35.51
C THR A 148 -10.32 11.69 -35.33
N MET A 149 -10.39 12.38 -34.20
CA MET A 149 -11.52 13.26 -33.91
C MET A 149 -10.99 14.60 -33.43
N PRO A 150 -10.95 15.59 -34.34
CA PRO A 150 -10.34 16.90 -34.09
C PRO A 150 -11.34 17.91 -33.52
N GLY A 151 -10.83 18.92 -32.85
CA GLY A 151 -11.64 20.04 -32.39
C GLY A 151 -12.74 19.68 -31.41
N LEU A 152 -12.54 18.59 -30.67
CA LEU A 152 -13.58 18.12 -29.76
C LEU A 152 -13.76 19.03 -28.55
N PHE A 153 -14.78 18.75 -27.76
CA PHE A 153 -15.00 19.44 -26.50
C PHE A 153 -15.27 18.44 -25.37
N ALA A 154 -14.54 18.58 -24.27
CA ALA A 154 -14.61 17.62 -23.18
C ALA A 154 -15.64 18.01 -22.11
N TYR A 155 -16.49 17.06 -21.74
CA TYR A 155 -17.45 17.28 -20.67
C TYR A 155 -17.58 16.03 -19.81
N ARG A 156 -17.89 16.23 -18.53
CA ARG A 156 -17.95 15.13 -17.57
C ARG A 156 -19.35 14.55 -17.47
N ALA A 157 -19.52 13.31 -17.93
CA ALA A 157 -20.82 12.62 -17.90
C ALA A 157 -20.70 11.14 -18.27
N GLY A 158 -21.72 10.36 -17.96
CA GLY A 158 -21.72 8.95 -18.30
C GLY A 158 -22.25 8.73 -19.71
N THR A 159 -21.44 8.13 -20.57
CA THR A 159 -21.77 8.01 -21.98
C THR A 159 -21.47 6.63 -22.53
N LYS A 160 -22.48 5.76 -22.65
CA LYS A 160 -22.22 4.47 -23.30
C LYS A 160 -22.16 4.63 -24.81
N VAL A 161 -22.05 3.51 -25.51
CA VAL A 161 -21.88 3.52 -26.96
C VAL A 161 -23.25 3.51 -27.63
N GLY A 162 -23.41 4.37 -28.64
CA GLY A 162 -24.69 4.56 -29.29
C GLY A 162 -25.26 5.93 -28.93
N TYR A 163 -24.44 6.73 -28.27
CA TYR A 163 -24.78 8.11 -27.93
C TYR A 163 -24.24 9.05 -29.00
N ALA A 164 -23.34 8.53 -29.82
CA ALA A 164 -22.72 9.31 -30.88
C ALA A 164 -23.76 9.92 -31.81
N GLY A 165 -23.60 11.19 -32.13
CA GLY A 165 -24.52 11.89 -33.00
C GLY A 165 -25.58 12.68 -32.26
N GLY A 166 -25.77 12.37 -30.97
CA GLY A 166 -26.71 13.11 -30.15
C GLY A 166 -26.36 14.59 -30.05
N ALA A 167 -27.33 15.42 -29.69
CA ALA A 167 -27.11 16.86 -29.64
C ALA A 167 -26.77 17.34 -28.24
N VAL A 168 -25.65 18.02 -28.13
CA VAL A 168 -25.21 18.56 -26.86
C VAL A 168 -25.31 20.09 -26.77
N MET A 169 -25.99 20.56 -25.72
CA MET A 169 -26.26 21.98 -25.53
C MET A 169 -25.81 22.46 -24.15
N THR A 170 -25.23 23.66 -24.11
CA THR A 170 -24.86 24.30 -22.85
C THR A 170 -25.43 25.72 -22.77
N LYS A 171 -24.87 26.53 -21.86
CA LYS A 171 -25.30 27.93 -21.71
C LYS A 171 -24.17 28.95 -21.82
N ASP A 172 -24.52 30.16 -22.23
CA ASP A 172 -23.61 31.30 -22.17
C ASP A 172 -24.45 32.58 -22.03
N GLY A 173 -24.35 33.24 -20.89
CA GLY A 173 -25.24 34.36 -20.61
C GLY A 173 -26.67 33.89 -20.52
N ALA A 174 -27.55 34.55 -21.25
CA ALA A 174 -28.96 34.17 -21.26
C ALA A 174 -29.29 33.15 -22.35
N HIS A 175 -28.28 32.73 -23.10
CA HIS A 175 -28.52 31.88 -24.28
C HIS A 175 -28.15 30.41 -24.09
N THR A 176 -28.88 29.54 -24.76
CA THR A 176 -28.64 28.09 -24.74
C THR A 176 -28.09 27.65 -26.10
N VAL A 177 -26.79 27.41 -26.17
CA VAL A 177 -26.14 27.16 -27.47
C VAL A 177 -25.96 25.67 -27.73
N ILE A 178 -26.20 25.25 -28.97
CA ILE A 178 -25.85 23.90 -29.38
C ILE A 178 -24.41 23.95 -29.88
N ILE A 179 -23.58 23.06 -29.36
CA ILE A 179 -22.15 23.12 -29.65
C ILE A 179 -21.80 22.21 -30.83
N GLY A 180 -22.41 21.03 -30.86
CA GLY A 180 -22.17 20.08 -31.92
C GLY A 180 -22.86 18.77 -31.59
N THR A 181 -22.25 17.68 -32.02
CA THR A 181 -22.80 16.36 -31.74
C THR A 181 -21.81 15.53 -30.95
N HIS A 182 -22.34 14.71 -30.05
CA HIS A 182 -21.52 13.81 -29.25
C HIS A 182 -20.78 12.85 -30.16
N SER A 183 -19.49 12.65 -29.91
CA SER A 183 -18.66 11.88 -30.83
C SER A 183 -18.19 10.55 -30.24
N ALA A 184 -17.59 10.61 -29.06
CA ALA A 184 -17.08 9.41 -28.40
C ALA A 184 -16.77 9.70 -26.95
N GLY A 185 -16.47 8.68 -26.17
CA GLY A 185 -16.12 8.87 -24.78
C GLY A 185 -15.70 7.63 -24.02
N GLY A 186 -16.39 7.38 -22.92
CA GLY A 186 -16.02 6.37 -21.94
C GLY A 186 -15.39 7.03 -20.74
N ASN A 187 -15.07 6.23 -19.72
CA ASN A 187 -14.39 6.72 -18.51
C ASN A 187 -15.11 7.92 -17.87
N GLY A 188 -16.44 7.91 -17.91
CA GLY A 188 -17.23 8.98 -17.31
C GLY A 188 -16.98 10.36 -17.89
N VAL A 189 -16.38 10.40 -19.07
CA VAL A 189 -16.13 11.66 -19.77
C VAL A 189 -16.62 11.52 -21.21
N GLY A 190 -17.06 12.64 -21.79
CA GLY A 190 -17.63 12.62 -23.14
C GLY A 190 -17.01 13.67 -24.06
N TYR A 191 -17.15 13.45 -25.36
CA TYR A 191 -16.56 14.36 -26.34
C TYR A 191 -17.52 14.74 -27.47
N CYS A 192 -17.58 16.04 -27.79
CA CYS A 192 -18.37 16.52 -28.91
C CYS A 192 -17.53 17.15 -30.00
N SER A 193 -17.91 16.87 -31.23
CA SER A 193 -17.30 17.51 -32.37
C SER A 193 -17.87 18.93 -32.44
N CYS A 194 -17.05 19.90 -32.07
CA CYS A 194 -17.49 21.29 -32.04
C CYS A 194 -17.90 21.75 -33.42
N VAL A 195 -19.14 22.21 -33.54
CA VAL A 195 -19.67 22.62 -34.83
C VAL A 195 -20.05 24.10 -34.79
N SER A 196 -19.61 24.84 -35.81
CA SER A 196 -19.84 26.28 -35.88
C SER A 196 -21.08 26.59 -36.70
N ARG A 197 -21.75 27.68 -36.35
CA ARG A 197 -22.96 28.11 -37.06
C ARG A 197 -22.63 28.54 -38.48
N SER A 198 -21.51 29.26 -38.62
CA SER A 198 -21.05 29.74 -39.92
C SER A 198 -20.93 28.58 -40.90
N SER A 199 -20.35 27.48 -40.44
CA SER A 199 -20.18 26.30 -41.29
C SER A 199 -21.53 25.72 -41.70
N LEU A 200 -22.45 25.62 -40.76
CA LEU A 200 -23.78 25.07 -41.05
C LEU A 200 -24.57 25.90 -42.06
N LEU A 201 -24.40 27.22 -42.01
CA LEU A 201 -25.11 28.12 -42.90
C LEU A 201 -24.59 28.04 -44.33
N GLN A 202 -23.29 27.83 -44.46
CA GLN A 202 -22.65 27.80 -45.77
C GLN A 202 -23.03 26.53 -46.53
N LEU A 203 -23.65 25.58 -45.84
CA LEU A 203 -24.13 24.38 -46.50
C LEU A 203 -25.64 24.46 -46.72
N LYS A 204 -26.35 25.19 -45.87
CA LYS A 204 -27.79 25.38 -46.04
C LYS A 204 -27.99 26.16 -47.33
N ALA A 205 -27.06 27.06 -47.61
CA ALA A 205 -27.05 27.78 -48.88
C ALA A 205 -27.08 26.79 -50.04
N HIS A 206 -26.25 25.74 -49.95
CA HIS A 206 -26.08 24.78 -51.03
C HIS A 206 -27.13 23.67 -51.07
N ILE A 207 -28.10 23.73 -50.18
CA ILE A 207 -29.19 22.75 -50.16
C ILE A 207 -30.55 23.40 -49.90
N ASP A 208 -30.60 24.33 -48.95
CA ASP A 208 -31.83 25.05 -48.60
C ASP A 208 -32.90 24.14 -48.00
N ASP B 8 25.18 3.52 -29.14
CA ASP B 8 24.79 4.18 -30.39
C ASP B 8 23.34 4.70 -30.35
N LEU B 9 22.36 3.79 -30.35
CA LEU B 9 20.96 4.14 -30.13
C LEU B 9 20.76 4.99 -28.86
N GLN B 10 21.26 4.49 -27.73
CA GLN B 10 21.17 5.20 -26.44
C GLN B 10 21.38 6.72 -26.54
N LYS B 11 22.37 7.15 -27.32
CA LYS B 11 22.63 8.57 -27.44
C LYS B 11 21.59 9.27 -28.34
N MET B 12 21.18 8.60 -29.43
CA MET B 12 20.21 9.17 -30.36
C MET B 12 18.83 9.44 -29.77
N VAL B 13 18.42 8.67 -28.76
CA VAL B 13 17.16 8.95 -28.10
C VAL B 13 17.30 10.19 -27.23
N MET B 14 18.41 10.29 -26.51
CA MET B 14 18.69 11.47 -25.70
C MET B 14 18.59 12.73 -26.54
N ALA B 15 19.13 12.67 -27.76
CA ALA B 15 19.03 13.75 -28.73
C ALA B 15 17.59 14.25 -28.93
N ASN B 16 16.62 13.36 -28.81
CA ASN B 16 15.20 13.72 -28.93
C ASN B 16 14.57 14.19 -27.63
N VAL B 17 15.12 13.73 -26.49
CA VAL B 17 14.58 14.09 -25.18
C VAL B 17 14.86 15.57 -24.87
N LYS B 18 13.84 16.27 -24.36
CA LYS B 18 13.93 17.72 -24.14
C LYS B 18 13.27 18.17 -22.84
N PRO B 19 13.87 19.17 -22.19
CA PRO B 19 13.34 19.75 -20.96
C PRO B 19 12.08 20.56 -21.22
N VAL B 20 10.99 20.19 -20.56
CA VAL B 20 9.75 20.97 -20.65
C VAL B 20 9.31 21.40 -19.24
N GLU B 21 8.58 22.51 -19.16
CA GLU B 21 8.04 23.04 -17.90
C GLU B 21 6.72 23.70 -18.25
N LEU B 22 5.91 23.99 -17.24
CA LEU B 22 4.70 24.75 -17.45
C LEU B 22 4.76 26.08 -16.67
N ILE B 23 4.67 27.19 -17.38
CA ILE B 23 4.73 28.51 -16.76
C ILE B 23 3.37 29.18 -16.70
N LEU B 24 3.19 30.01 -15.68
CA LEU B 24 1.96 30.73 -15.45
C LEU B 24 2.27 31.96 -14.59
N ASP B 25 2.05 33.15 -15.14
CA ASP B 25 2.32 34.39 -14.42
C ASP B 25 3.70 34.49 -13.76
N GLY B 26 4.73 33.95 -14.42
CA GLY B 26 6.08 34.03 -13.90
C GLY B 26 6.50 32.87 -13.03
N LYS B 27 5.55 32.15 -12.45
CA LYS B 27 5.89 31.04 -11.57
C LYS B 27 5.86 29.73 -12.34
N THR B 28 7.00 29.05 -12.36
CA THR B 28 7.14 27.75 -13.00
C THR B 28 6.27 26.73 -12.28
N VAL B 29 5.17 26.36 -12.90
CA VAL B 29 4.19 25.49 -12.26
C VAL B 29 4.58 24.01 -12.31
N ALA B 30 5.14 23.58 -13.43
CA ALA B 30 5.49 22.18 -13.60
C ALA B 30 6.84 22.02 -14.28
N LEU B 31 7.25 20.75 -14.47
CA LEU B 31 8.57 20.43 -14.99
C LEU B 31 8.59 18.93 -15.28
N CYS B 32 9.01 18.58 -16.49
CA CYS B 32 9.14 17.18 -16.86
C CYS B 32 9.93 17.05 -18.16
N CYS B 33 9.79 15.92 -18.85
CA CYS B 33 10.49 15.71 -20.10
C CYS B 33 9.55 15.58 -21.29
N ALA B 34 10.11 15.64 -22.49
CA ALA B 34 9.36 15.38 -23.71
C ALA B 34 10.29 14.72 -24.74
N THR B 35 9.76 13.76 -25.49
CA THR B 35 10.55 12.97 -26.44
C THR B 35 10.15 13.15 -27.91
N GLY B 36 11.13 13.48 -28.75
CA GLY B 36 10.89 13.54 -30.17
C GLY B 36 10.70 12.17 -30.78
N VAL B 37 9.73 12.05 -31.68
CA VAL B 37 9.47 10.78 -32.35
C VAL B 37 9.55 10.97 -33.87
N PHE B 38 9.12 12.13 -34.32
CA PHE B 38 9.27 12.54 -35.71
C PHE B 38 8.87 14.01 -35.85
N GLY B 39 9.48 14.69 -36.81
CA GLY B 39 9.18 16.09 -37.09
C GLY B 39 9.16 17.00 -35.87
N THR B 40 7.97 17.49 -35.55
CA THR B 40 7.77 18.32 -34.37
C THR B 40 6.77 17.67 -33.41
N ALA B 41 6.71 16.35 -33.44
CA ALA B 41 5.80 15.60 -32.58
C ALA B 41 6.51 15.12 -31.31
N TYR B 42 5.96 15.45 -30.16
CA TYR B 42 6.58 15.10 -28.89
C TYR B 42 5.66 14.33 -27.95
N LEU B 43 6.12 13.17 -27.49
CA LEU B 43 5.36 12.43 -26.48
C LEU B 43 5.47 13.19 -25.18
N VAL B 44 4.32 13.45 -24.55
CA VAL B 44 4.26 14.30 -23.38
C VAL B 44 3.30 13.76 -22.33
N PRO B 45 3.58 14.02 -21.05
CA PRO B 45 2.69 13.60 -19.96
C PRO B 45 1.37 14.37 -20.01
N ARG B 46 0.32 13.68 -20.43
CA ARG B 46 -1.01 14.28 -20.57
C ARG B 46 -1.54 14.94 -19.31
N HIS B 47 -1.33 14.29 -18.16
CA HIS B 47 -1.90 14.76 -16.91
C HIS B 47 -1.33 16.09 -16.41
N LEU B 48 -0.51 16.74 -17.23
CA LEU B 48 0.02 18.06 -16.87
C LEU B 48 -0.66 19.14 -17.72
N PHE B 49 -1.01 18.80 -18.95
CA PHE B 49 -1.70 19.75 -19.84
C PHE B 49 -3.16 19.90 -19.44
N ALA B 50 -3.65 18.99 -18.61
CA ALA B 50 -4.98 19.13 -18.01
C ALA B 50 -4.98 20.32 -17.07
N GLU B 51 -4.14 20.25 -16.03
CA GLU B 51 -3.95 21.36 -15.12
C GLU B 51 -3.39 22.57 -15.86
N LYS B 52 -3.74 23.77 -15.39
CA LYS B 52 -3.54 24.99 -16.18
C LYS B 52 -2.11 25.46 -16.42
N TYR B 53 -1.93 26.23 -17.49
CA TYR B 53 -0.66 26.86 -17.84
C TYR B 53 -0.86 28.15 -18.66
N ASP B 54 0.15 29.01 -18.70
CA ASP B 54 0.11 30.17 -19.59
C ASP B 54 1.03 29.98 -20.79
N LYS B 55 2.32 29.82 -20.52
CA LYS B 55 3.32 29.58 -21.56
C LYS B 55 4.02 28.25 -21.31
N VAL B 56 4.78 27.79 -22.29
CA VAL B 56 5.56 26.57 -22.16
C VAL B 56 6.92 26.79 -22.79
N VAL B 57 8.01 26.55 -22.05
CA VAL B 57 9.30 26.69 -22.69
C VAL B 57 9.86 25.29 -22.96
N LEU B 58 10.08 25.00 -24.24
CA LEU B 58 10.63 23.73 -24.65
C LEU B 58 12.02 23.94 -25.19
N ASP B 59 13.02 23.45 -24.45
CA ASP B 59 14.41 23.60 -24.85
C ASP B 59 14.76 25.07 -24.94
N GLY B 60 14.11 25.87 -24.08
CA GLY B 60 14.33 27.30 -24.03
C GLY B 60 13.33 28.10 -24.83
N ARG B 61 12.68 27.45 -25.78
CA ARG B 61 11.69 28.08 -26.65
C ARG B 61 10.38 28.40 -25.93
N GLN B 62 10.01 29.68 -25.89
CA GLN B 62 8.84 30.12 -25.13
C GLN B 62 7.55 30.06 -25.95
N LEU B 63 7.03 28.85 -26.11
CA LEU B 63 5.79 28.63 -26.84
C LEU B 63 4.57 29.26 -26.16
N ASP B 64 3.66 29.79 -26.97
CA ASP B 64 2.35 30.19 -26.47
C ASP B 64 1.43 29.01 -26.75
N ASN B 65 0.32 28.95 -26.03
CA ASN B 65 -0.63 27.86 -26.16
C ASN B 65 -1.13 27.61 -27.58
N SER B 66 -1.37 28.70 -28.30
CA SER B 66 -1.99 28.63 -29.63
C SER B 66 -1.01 28.29 -30.75
N ASP B 67 0.21 27.90 -30.38
CA ASP B 67 1.26 27.63 -31.36
C ASP B 67 1.64 26.15 -31.49
N PHE B 68 0.92 25.29 -30.78
CA PHE B 68 1.17 23.85 -30.83
C PHE B 68 -0.15 23.18 -30.51
N ARG B 69 -0.23 21.89 -30.79
CA ARG B 69 -1.45 21.15 -30.51
C ARG B 69 -1.25 19.75 -29.93
N VAL B 70 -2.21 19.31 -29.12
CA VAL B 70 -2.05 18.07 -28.38
C VAL B 70 -3.00 16.94 -28.83
N PHE B 71 -2.44 15.75 -29.00
CA PHE B 71 -3.18 14.57 -29.44
C PHE B 71 -3.32 13.54 -28.32
N GLU B 72 -4.55 13.09 -28.08
CA GLU B 72 -4.79 12.08 -27.07
C GLU B 72 -5.29 10.75 -27.64
N PHE B 73 -4.87 9.66 -27.02
CA PHE B 73 -5.19 8.33 -27.55
C PHE B 73 -6.05 7.59 -26.56
N GLU B 74 -6.82 6.62 -27.04
CA GLU B 74 -7.57 5.76 -26.13
C GLU B 74 -6.85 4.42 -26.00
N VAL B 75 -7.11 3.72 -24.91
CA VAL B 75 -6.53 2.39 -24.68
C VAL B 75 -7.57 1.41 -24.12
N LYS B 76 -7.31 0.12 -24.32
CA LYS B 76 -8.16 -0.95 -23.81
C LYS B 76 -7.55 -1.53 -22.56
N VAL B 77 -8.15 -1.23 -21.41
CA VAL B 77 -7.64 -1.77 -20.17
C VAL B 77 -8.63 -2.88 -19.73
N LYS B 78 -8.17 -4.12 -19.88
CA LYS B 78 -9.01 -5.29 -19.64
C LYS B 78 -10.33 -5.20 -20.43
N GLY B 79 -10.23 -4.69 -21.65
CA GLY B 79 -11.36 -4.49 -22.54
C GLY B 79 -12.37 -3.38 -22.37
N GLN B 80 -11.96 -2.21 -21.86
CA GLN B 80 -12.80 -1.00 -21.93
C GLN B 80 -11.94 0.25 -22.15
N ASP B 81 -12.61 1.39 -22.22
CA ASP B 81 -12.07 2.57 -22.88
C ASP B 81 -11.45 3.62 -21.96
N MET B 82 -10.12 3.69 -22.00
CA MET B 82 -9.38 4.66 -21.21
C MET B 82 -8.42 5.47 -22.09
N MET B 83 -8.03 6.65 -21.59
CA MET B 83 -7.17 7.58 -22.29
C MET B 83 -5.73 7.49 -21.81
N SER B 84 -4.82 7.11 -22.71
CA SER B 84 -3.40 6.98 -22.36
C SER B 84 -2.88 8.27 -21.75
N ASP B 85 -1.92 8.14 -20.84
CA ASP B 85 -1.33 9.30 -20.19
C ASP B 85 -0.23 9.88 -21.06
N ALA B 86 0.14 9.14 -22.10
CA ALA B 86 1.11 9.63 -23.07
C ALA B 86 0.39 10.37 -24.20
N ALA B 87 0.52 11.70 -24.19
CA ALA B 87 -0.10 12.52 -25.22
C ALA B 87 0.94 12.88 -26.28
N LEU B 88 0.51 13.63 -27.28
CA LEU B 88 1.42 14.01 -28.36
C LEU B 88 1.36 15.50 -28.66
N MET B 89 2.39 16.22 -28.25
CA MET B 89 2.48 17.65 -28.52
C MET B 89 3.12 17.90 -29.87
N VAL B 90 2.35 18.43 -30.81
CA VAL B 90 2.86 18.72 -32.15
C VAL B 90 2.94 20.22 -32.36
N LEU B 91 4.13 20.70 -32.70
CA LEU B 91 4.35 22.13 -32.89
C LEU B 91 3.86 22.54 -34.27
N ASN B 92 3.18 23.69 -34.36
CA ASN B 92 2.77 24.23 -35.65
C ASN B 92 3.98 24.50 -36.53
N ARG B 93 5.02 25.07 -35.91
CA ARG B 93 6.28 25.29 -36.58
C ARG B 93 7.41 25.12 -35.56
N GLY B 94 8.56 24.65 -36.03
CA GLY B 94 9.69 24.43 -35.14
C GLY B 94 10.86 23.75 -35.81
N GLN B 95 11.63 23.01 -35.02
CA GLN B 95 12.77 22.29 -35.56
C GLN B 95 12.44 20.81 -35.65
N ARG B 96 13.01 20.16 -36.65
CA ARG B 96 12.79 18.74 -36.89
C ARG B 96 13.58 17.84 -35.93
N VAL B 97 12.91 16.79 -35.44
CA VAL B 97 13.60 15.74 -34.68
C VAL B 97 13.70 14.49 -35.54
N ARG B 98 14.45 13.50 -35.07
CA ARG B 98 14.66 12.29 -35.85
C ARG B 98 13.48 11.33 -35.75
N ASP B 99 13.28 10.56 -36.82
CA ASP B 99 12.31 9.47 -36.79
C ASP B 99 12.93 8.25 -36.10
N ILE B 100 12.47 7.99 -34.88
CA ILE B 100 12.77 6.78 -34.15
C ILE B 100 11.48 5.98 -33.87
N THR B 101 10.39 6.36 -34.55
CA THR B 101 9.11 5.65 -34.45
C THR B 101 9.29 4.22 -34.94
N MET B 102 10.37 4.02 -35.68
CA MET B 102 10.75 2.73 -36.25
C MET B 102 11.15 1.73 -35.17
N HIS B 103 11.29 2.21 -33.93
CA HIS B 103 11.85 1.39 -32.86
C HIS B 103 10.80 0.83 -31.90
N PHE B 104 9.65 1.49 -31.83
CA PHE B 104 8.57 1.03 -30.97
C PHE B 104 8.01 -0.29 -31.50
N ARG B 105 7.14 -0.93 -30.73
CA ARG B 105 6.47 -2.14 -31.19
C ARG B 105 5.02 -2.17 -30.76
N ASP B 106 4.39 -3.34 -30.91
CA ASP B 106 2.97 -3.50 -30.60
C ASP B 106 2.71 -4.71 -29.70
N GLN B 107 3.14 -5.89 -30.14
CA GLN B 107 2.91 -7.11 -29.37
C GLN B 107 4.18 -7.50 -28.62
N VAL B 108 4.66 -6.61 -27.76
CA VAL B 108 5.92 -6.86 -27.08
C VAL B 108 5.69 -7.78 -25.89
N HIS B 109 6.45 -8.87 -25.84
CA HIS B 109 6.38 -9.82 -24.73
C HIS B 109 7.69 -9.79 -23.96
N ILE B 110 7.70 -9.06 -22.85
CA ILE B 110 8.90 -8.87 -22.04
C ILE B 110 9.05 -9.79 -20.83
N LYS B 111 10.28 -10.22 -20.59
CA LYS B 111 10.60 -11.06 -19.44
C LYS B 111 10.86 -10.19 -18.21
N LYS B 112 10.66 -10.77 -17.03
CA LYS B 112 10.86 -10.06 -15.77
C LYS B 112 12.35 -9.87 -15.48
N GLY B 113 12.68 -8.92 -14.61
CA GLY B 113 14.05 -8.71 -14.18
C GLY B 113 14.99 -8.09 -15.20
N THR B 114 14.49 -7.93 -16.41
CA THR B 114 15.24 -7.38 -17.54
C THR B 114 15.61 -5.92 -17.32
N PRO B 115 16.79 -5.51 -17.81
CA PRO B 115 17.20 -4.10 -17.64
C PRO B 115 16.22 -3.14 -18.30
N VAL B 116 16.29 -1.88 -17.89
CA VAL B 116 15.36 -0.86 -18.37
C VAL B 116 16.08 0.47 -18.28
N LEU B 117 16.01 1.25 -19.35
CA LEU B 117 16.69 2.53 -19.38
C LEU B 117 15.68 3.66 -19.53
N GLY B 118 15.93 4.75 -18.82
CA GLY B 118 15.02 5.89 -18.77
C GLY B 118 15.72 7.17 -19.16
N VAL B 119 15.75 7.45 -20.45
CA VAL B 119 16.39 8.65 -20.96
C VAL B 119 15.66 9.90 -20.48
N ILE B 120 16.34 10.71 -19.66
CA ILE B 120 15.74 11.90 -19.08
C ILE B 120 16.55 13.16 -19.37
N ASN B 121 15.86 14.26 -19.64
CA ASN B 121 16.49 15.56 -19.87
C ASN B 121 15.58 16.69 -19.43
N ASN B 122 15.88 17.33 -18.31
CA ASN B 122 15.07 18.47 -17.87
C ASN B 122 15.92 19.56 -17.22
N ALA B 123 15.25 20.53 -16.59
CA ALA B 123 15.94 21.69 -16.05
C ALA B 123 16.43 21.47 -14.62
N ASP B 124 15.83 20.50 -13.93
CA ASP B 124 16.28 20.14 -12.59
C ASP B 124 17.53 19.29 -12.70
N VAL B 125 17.39 18.12 -13.29
CA VAL B 125 18.51 17.18 -13.37
C VAL B 125 19.46 17.39 -14.56
N GLY B 126 18.92 17.50 -15.78
CA GLY B 126 19.76 17.62 -16.95
C GLY B 126 19.72 16.32 -17.74
N ARG B 127 20.68 16.17 -18.65
CA ARG B 127 20.75 14.97 -19.48
C ARG B 127 21.12 13.72 -18.66
N LEU B 128 20.12 12.98 -18.18
CA LEU B 128 20.38 11.81 -17.34
C LEU B 128 19.76 10.53 -17.93
N ILE B 129 20.40 9.41 -17.63
CA ILE B 129 19.85 8.09 -17.90
C ILE B 129 19.84 7.33 -16.59
N PHE B 130 18.92 6.38 -16.44
CA PHE B 130 18.91 5.51 -15.28
C PHE B 130 18.62 4.07 -15.67
N SER B 131 18.97 3.15 -14.79
CA SER B 131 18.77 1.74 -15.07
C SER B 131 17.73 1.15 -14.12
N GLY B 132 17.20 0.00 -14.48
CA GLY B 132 16.17 -0.63 -13.68
C GLY B 132 15.86 -2.06 -14.07
N ASP B 133 14.85 -2.62 -13.43
CA ASP B 133 14.46 -4.00 -13.65
C ASP B 133 13.02 -4.12 -14.09
N ALA B 134 12.78 -4.97 -15.08
CA ALA B 134 11.44 -5.16 -15.61
C ALA B 134 10.59 -5.97 -14.65
N LEU B 135 9.40 -5.46 -14.36
CA LEU B 135 8.44 -6.17 -13.51
C LEU B 135 7.37 -6.81 -14.37
N THR B 136 6.15 -6.30 -14.27
CA THR B 136 5.04 -6.78 -15.09
C THR B 136 4.16 -5.62 -15.52
N TYR B 137 3.13 -5.93 -16.29
CA TYR B 137 2.19 -4.94 -16.75
C TYR B 137 1.15 -4.65 -15.66
N LYS B 138 0.99 -3.37 -15.35
CA LYS B 138 -0.05 -2.93 -14.42
C LYS B 138 -1.19 -2.28 -15.19
N ASP B 139 -2.43 -2.54 -14.77
CA ASP B 139 -3.58 -2.07 -15.52
C ASP B 139 -3.69 -0.55 -15.42
N VAL B 140 -4.06 -0.05 -14.25
CA VAL B 140 -4.24 1.37 -14.02
C VAL B 140 -3.71 1.80 -12.64
N VAL B 141 -3.13 2.99 -12.57
CA VAL B 141 -2.70 3.58 -11.31
C VAL B 141 -3.25 5.01 -11.27
N VAL B 142 -3.79 5.39 -10.12
CA VAL B 142 -4.43 6.69 -9.95
C VAL B 142 -3.59 7.65 -9.13
N ALA B 143 -3.45 8.86 -9.64
CA ALA B 143 -2.70 9.92 -8.97
C ALA B 143 -3.52 10.52 -7.83
N MET B 144 -2.92 11.46 -7.10
CA MET B 144 -3.56 12.06 -5.93
C MET B 144 -4.82 12.86 -6.27
N ASP B 145 -4.80 13.50 -7.43
CA ASP B 145 -5.91 14.35 -7.88
C ASP B 145 -6.92 13.56 -8.71
N GLY B 146 -6.59 12.31 -9.00
CA GLY B 146 -7.44 11.46 -9.79
C GLY B 146 -6.97 11.26 -11.22
N ASP B 147 -5.76 11.73 -11.52
CA ASP B 147 -5.19 11.57 -12.86
C ASP B 147 -4.89 10.10 -13.14
N THR B 148 -5.86 9.40 -13.73
CA THR B 148 -5.75 7.98 -14.06
C THR B 148 -4.68 7.73 -15.13
N MET B 149 -3.93 6.65 -14.98
CA MET B 149 -2.84 6.33 -15.90
C MET B 149 -2.91 4.86 -16.34
N PRO B 150 -3.41 4.61 -17.56
CA PRO B 150 -3.72 3.27 -18.05
C PRO B 150 -2.60 2.60 -18.83
N GLY B 151 -2.69 1.27 -18.88
CA GLY B 151 -1.84 0.45 -19.74
C GLY B 151 -0.37 0.61 -19.44
N LEU B 152 -0.07 1.02 -18.22
CA LEU B 152 1.30 1.29 -17.85
C LEU B 152 2.13 0.02 -17.73
N PHE B 153 3.43 0.22 -17.58
CA PHE B 153 4.34 -0.85 -17.26
C PHE B 153 5.26 -0.50 -16.11
N ALA B 154 5.35 -1.42 -15.16
CA ALA B 154 6.08 -1.19 -13.92
C ALA B 154 7.52 -1.66 -14.04
N TYR B 155 8.44 -0.80 -13.58
CA TYR B 155 9.86 -1.13 -13.54
C TYR B 155 10.51 -0.66 -12.25
N ARG B 156 11.54 -1.37 -11.83
CA ARG B 156 12.20 -1.11 -10.56
C ARG B 156 13.34 -0.12 -10.71
N ALA B 157 13.17 1.10 -10.22
CA ALA B 157 14.20 2.14 -10.31
C ALA B 157 13.82 3.37 -9.48
N GLY B 158 14.80 4.22 -9.18
CA GLY B 158 14.57 5.45 -8.44
C GLY B 158 14.24 6.62 -9.36
N THR B 159 13.05 7.20 -9.18
CA THR B 159 12.55 8.23 -10.08
C THR B 159 11.82 9.36 -9.33
N LYS B 160 12.46 10.50 -9.12
CA LYS B 160 11.76 11.63 -8.51
C LYS B 160 10.84 12.28 -9.54
N VAL B 161 10.30 13.44 -9.18
CA VAL B 161 9.31 14.13 -10.01
C VAL B 161 9.98 15.04 -11.04
N GLY B 162 9.48 15.00 -12.27
CA GLY B 162 10.10 15.73 -13.38
C GLY B 162 10.76 14.76 -14.33
N TYR B 163 10.50 13.48 -14.12
CA TYR B 163 11.03 12.41 -14.95
C TYR B 163 10.01 12.06 -16.01
N ALA B 164 8.79 12.54 -15.80
CA ALA B 164 7.67 12.28 -16.70
C ALA B 164 7.97 12.74 -18.12
N GLY B 165 7.64 11.89 -19.08
CA GLY B 165 7.87 12.22 -20.48
C GLY B 165 9.16 11.62 -21.00
N GLY B 166 10.05 11.24 -20.08
CA GLY B 166 11.31 10.60 -20.44
C GLY B 166 11.07 9.29 -21.19
N ALA B 167 12.10 8.82 -21.88
CA ALA B 167 11.94 7.62 -22.71
C ALA B 167 12.35 6.35 -21.97
N VAL B 168 11.44 5.39 -21.93
CA VAL B 168 11.72 4.12 -21.25
C VAL B 168 11.98 3.02 -22.26
N MET B 169 13.14 2.39 -22.12
CA MET B 169 13.58 1.38 -23.08
C MET B 169 14.00 0.08 -22.42
N THR B 170 13.62 -1.03 -23.02
CA THR B 170 14.07 -2.34 -22.59
C THR B 170 14.64 -3.10 -23.77
N LYS B 171 14.71 -4.41 -23.64
CA LYS B 171 15.18 -5.22 -24.72
C LYS B 171 14.13 -6.26 -25.12
N ASP B 172 14.20 -6.69 -26.37
CA ASP B 172 13.33 -7.75 -26.84
C ASP B 172 14.09 -8.55 -27.88
N GLY B 173 14.41 -9.78 -27.52
CA GLY B 173 15.32 -10.57 -28.33
C GLY B 173 16.66 -9.86 -28.32
N ALA B 174 17.22 -9.65 -29.52
CA ALA B 174 18.48 -8.96 -29.67
C ALA B 174 18.31 -7.48 -29.88
N HIS B 175 17.08 -7.01 -29.86
CA HIS B 175 16.82 -5.62 -30.16
C HIS B 175 16.38 -4.75 -28.96
N THR B 176 16.72 -3.46 -28.98
CA THR B 176 16.42 -2.56 -27.87
C THR B 176 15.23 -1.67 -28.18
N VAL B 177 14.10 -2.01 -27.58
CA VAL B 177 12.81 -1.44 -27.92
C VAL B 177 12.43 -0.27 -27.01
N ILE B 178 11.84 0.76 -27.60
CA ILE B 178 11.24 1.84 -26.81
C ILE B 178 9.81 1.44 -26.47
N ILE B 179 9.46 1.50 -25.20
CA ILE B 179 8.15 1.03 -24.76
C ILE B 179 7.15 2.17 -24.71
N GLY B 180 7.60 3.30 -24.19
CA GLY B 180 6.76 4.47 -24.07
C GLY B 180 7.45 5.56 -23.28
N THR B 181 6.67 6.33 -22.54
CA THR B 181 7.21 7.41 -21.74
C THR B 181 6.87 7.24 -20.26
N HIS B 182 7.82 7.61 -19.40
CA HIS B 182 7.62 7.57 -17.96
C HIS B 182 6.48 8.51 -17.57
N SER B 183 5.58 8.03 -16.72
CA SER B 183 4.38 8.79 -16.39
C SER B 183 4.41 9.28 -14.94
N ALA B 184 4.63 8.35 -14.02
CA ALA B 184 4.67 8.68 -12.60
C ALA B 184 5.30 7.53 -11.83
N GLY B 185 5.59 7.75 -10.55
CA GLY B 185 6.16 6.70 -9.73
C GLY B 185 6.33 7.04 -8.26
N GLY B 186 7.56 6.89 -7.78
CA GLY B 186 7.83 6.96 -6.35
C GLY B 186 8.01 5.55 -5.83
N ASN B 187 8.30 5.42 -4.54
CA ASN B 187 8.43 4.12 -3.89
C ASN B 187 9.45 3.23 -4.59
N GLY B 188 10.51 3.83 -5.12
CA GLY B 188 11.58 3.09 -5.76
C GLY B 188 11.13 2.25 -6.94
N VAL B 189 9.93 2.52 -7.43
CA VAL B 189 9.38 1.81 -8.59
C VAL B 189 8.87 2.84 -9.60
N GLY B 190 8.90 2.48 -10.88
CA GLY B 190 8.51 3.42 -11.93
C GLY B 190 7.50 2.87 -12.91
N TYR B 191 6.79 3.76 -13.59
CA TYR B 191 5.76 3.37 -14.54
C TYR B 191 5.90 4.15 -15.85
N CYS B 192 5.82 3.43 -16.96
CA CYS B 192 5.86 4.06 -18.27
C CYS B 192 4.54 3.83 -19.02
N SER B 193 4.09 4.86 -19.73
CA SER B 193 2.90 4.73 -20.57
C SER B 193 3.24 3.95 -21.84
N CYS B 194 2.77 2.70 -21.91
CA CYS B 194 3.07 1.85 -23.05
C CYS B 194 2.53 2.47 -24.35
N VAL B 195 3.42 2.67 -25.30
CA VAL B 195 3.07 3.29 -26.57
C VAL B 195 3.34 2.34 -27.72
N SER B 196 2.36 2.20 -28.61
CA SER B 196 2.46 1.28 -29.71
C SER B 196 2.99 1.95 -30.97
N ARG B 197 3.74 1.20 -31.77
CA ARG B 197 4.29 1.70 -33.01
C ARG B 197 3.21 1.96 -34.05
N SER B 198 2.26 1.04 -34.13
CA SER B 198 1.17 1.12 -35.08
C SER B 198 0.41 2.45 -34.99
N SER B 199 0.13 2.88 -33.76
CA SER B 199 -0.55 4.14 -33.51
C SER B 199 0.32 5.30 -33.98
N LEU B 200 1.60 5.22 -33.66
CA LEU B 200 2.57 6.24 -34.04
C LEU B 200 2.69 6.39 -35.56
N LEU B 201 2.59 5.27 -36.27
CA LEU B 201 2.74 5.28 -37.73
C LEU B 201 1.53 5.83 -38.49
N GLN B 202 0.33 5.49 -38.03
CA GLN B 202 -0.89 5.93 -38.70
C GLN B 202 -1.12 7.41 -38.41
N LEU B 203 -0.33 7.94 -37.48
CA LEU B 203 -0.41 9.34 -37.12
C LEU B 203 0.65 10.14 -37.86
N LYS B 204 1.76 9.48 -38.20
CA LYS B 204 2.80 10.12 -39.00
C LYS B 204 2.23 10.42 -40.38
N ALA B 205 1.36 9.53 -40.86
CA ALA B 205 0.66 9.74 -42.12
C ALA B 205 -0.05 11.09 -42.16
N HIS B 206 -0.72 11.44 -41.05
CA HIS B 206 -1.54 12.63 -40.99
C HIS B 206 -0.72 13.89 -40.69
N ILE B 207 0.60 13.74 -40.61
CA ILE B 207 1.49 14.87 -40.39
C ILE B 207 2.74 14.80 -41.27
N ASP B 208 3.34 13.61 -41.39
CA ASP B 208 4.52 13.38 -42.21
C ASP B 208 5.75 14.16 -41.74
N ASP C 8 -26.53 -0.92 13.11
CA ASP C 8 -27.14 -0.60 11.82
C ASP C 8 -26.10 -0.43 10.70
N LEU C 9 -25.37 0.68 10.74
CA LEU C 9 -24.24 0.95 9.86
C LEU C 9 -23.28 -0.22 9.82
N GLN C 10 -22.82 -0.62 11.00
CA GLN C 10 -21.95 -1.78 11.16
C GLN C 10 -22.33 -2.95 10.25
N LYS C 11 -23.63 -3.22 10.17
CA LYS C 11 -24.13 -4.32 9.36
C LYS C 11 -24.10 -4.02 7.88
N MET C 12 -24.45 -2.78 7.50
CA MET C 12 -24.46 -2.42 6.08
C MET C 12 -23.05 -2.52 5.51
N VAL C 13 -22.04 -2.35 6.36
CA VAL C 13 -20.66 -2.52 5.97
C VAL C 13 -20.36 -4.00 5.75
N MET C 14 -20.84 -4.83 6.68
CA MET C 14 -20.71 -6.29 6.57
C MET C 14 -21.23 -6.77 5.22
N ALA C 15 -22.38 -6.24 4.82
CA ALA C 15 -22.98 -6.53 3.52
C ALA C 15 -22.03 -6.33 2.34
N ASN C 16 -21.13 -5.35 2.46
CA ASN C 16 -20.12 -5.07 1.45
C ASN C 16 -18.83 -5.89 1.62
N VAL C 17 -18.49 -6.25 2.86
CA VAL C 17 -17.25 -7.00 3.16
C VAL C 17 -17.42 -8.43 2.66
N LYS C 18 -16.35 -8.96 2.07
CA LYS C 18 -16.48 -10.03 1.13
C LYS C 18 -15.31 -11.02 1.11
N PRO C 19 -15.60 -12.32 1.17
CA PRO C 19 -14.45 -13.23 1.06
C PRO C 19 -13.86 -13.34 -0.36
N VAL C 20 -12.55 -13.09 -0.45
CA VAL C 20 -11.77 -13.23 -1.68
C VAL C 20 -10.68 -14.29 -1.48
N GLU C 21 -10.28 -14.98 -2.55
CA GLU C 21 -9.25 -16.01 -2.46
C GLU C 21 -8.42 -16.01 -3.73
N LEU C 22 -7.18 -16.47 -3.62
CA LEU C 22 -6.27 -16.58 -4.77
C LEU C 22 -5.88 -18.03 -4.98
N ILE C 23 -6.14 -18.55 -6.17
CA ILE C 23 -5.89 -19.96 -6.47
C ILE C 23 -4.67 -20.12 -7.39
N LEU C 24 -3.99 -21.27 -7.28
CA LEU C 24 -2.79 -21.56 -8.06
C LEU C 24 -2.62 -23.07 -8.24
N ASP C 25 -2.65 -23.52 -9.49
CA ASP C 25 -2.52 -24.94 -9.82
C ASP C 25 -3.50 -25.82 -9.04
N GLY C 26 -4.70 -25.29 -8.81
CA GLY C 26 -5.74 -26.03 -8.11
C GLY C 26 -5.73 -25.77 -6.62
N LYS C 27 -4.57 -25.35 -6.12
CA LYS C 27 -4.37 -25.13 -4.69
C LYS C 27 -4.55 -23.68 -4.25
N THR C 28 -5.42 -23.47 -3.26
CA THR C 28 -5.67 -22.14 -2.72
C THR C 28 -4.41 -21.57 -2.08
N VAL C 29 -3.78 -20.63 -2.77
CA VAL C 29 -2.52 -20.05 -2.29
C VAL C 29 -2.74 -18.95 -1.26
N ALA C 30 -3.76 -18.11 -1.46
CA ALA C 30 -4.00 -16.99 -0.55
C ALA C 30 -5.48 -16.82 -0.24
N LEU C 31 -5.78 -15.89 0.65
CA LEU C 31 -7.13 -15.70 1.18
C LEU C 31 -7.20 -14.45 2.05
N CYS C 32 -8.22 -13.62 1.83
CA CYS C 32 -8.45 -12.44 2.63
C CYS C 32 -9.86 -11.91 2.45
N CYS C 33 -10.07 -10.64 2.81
CA CYS C 33 -11.36 -10.01 2.68
C CYS C 33 -11.30 -8.89 1.65
N ALA C 34 -12.46 -8.43 1.18
CA ALA C 34 -12.53 -7.27 0.30
C ALA C 34 -13.84 -6.55 0.55
N THR C 35 -13.81 -5.22 0.52
CA THR C 35 -14.98 -4.44 0.84
C THR C 35 -15.50 -3.65 -0.34
N GLY C 36 -16.78 -3.83 -0.65
CA GLY C 36 -17.43 -3.05 -1.68
C GLY C 36 -17.57 -1.61 -1.23
N VAL C 37 -17.34 -0.68 -2.15
CA VAL C 37 -17.46 0.73 -1.84
C VAL C 37 -18.50 1.41 -2.74
N PHE C 38 -18.58 0.95 -3.98
CA PHE C 38 -19.61 1.39 -4.92
C PHE C 38 -19.57 0.50 -6.15
N GLY C 39 -20.73 0.36 -6.81
CA GLY C 39 -20.83 -0.45 -8.01
C GLY C 39 -20.24 -1.84 -7.91
N THR C 40 -19.16 -2.06 -8.65
CA THR C 40 -18.43 -3.32 -8.59
C THR C 40 -16.99 -3.08 -8.15
N ALA C 41 -16.79 -2.02 -7.36
CA ALA C 41 -15.47 -1.65 -6.88
C ALA C 41 -15.24 -2.21 -5.48
N TYR C 42 -14.15 -2.96 -5.31
CA TYR C 42 -13.83 -3.56 -4.02
C TYR C 42 -12.44 -3.16 -3.55
N LEU C 43 -12.34 -2.65 -2.33
CA LEU C 43 -11.04 -2.35 -1.75
C LEU C 43 -10.32 -3.66 -1.44
N VAL C 44 -9.07 -3.76 -1.89
CA VAL C 44 -8.33 -5.01 -1.83
C VAL C 44 -6.87 -4.77 -1.44
N PRO C 45 -6.26 -5.75 -0.75
CA PRO C 45 -4.85 -5.67 -0.39
C PRO C 45 -3.95 -5.73 -1.62
N ARG C 46 -3.39 -4.58 -1.97
CA ARG C 46 -2.53 -4.45 -3.16
C ARG C 46 -1.38 -5.45 -3.17
N HIS C 47 -0.78 -5.68 -2.01
CA HIS C 47 0.43 -6.50 -1.91
C HIS C 47 0.22 -7.99 -2.27
N LEU C 48 -0.97 -8.33 -2.76
CA LEU C 48 -1.27 -9.69 -3.22
C LEU C 48 -1.38 -9.81 -4.74
N PHE C 49 -1.85 -8.77 -5.40
CA PHE C 49 -1.98 -8.79 -6.86
C PHE C 49 -0.60 -8.62 -7.49
N ALA C 50 0.36 -8.25 -6.65
CA ALA C 50 1.76 -8.26 -7.03
C ALA C 50 2.15 -9.72 -7.26
N GLU C 51 2.01 -10.53 -6.21
CA GLU C 51 2.24 -11.96 -6.31
C GLU C 51 1.28 -12.60 -7.30
N LYS C 52 1.74 -13.65 -7.97
CA LYS C 52 1.00 -14.20 -9.09
C LYS C 52 -0.26 -14.92 -8.64
N TYR C 53 -1.20 -15.05 -9.57
CA TYR C 53 -2.42 -15.81 -9.36
C TYR C 53 -2.82 -16.37 -10.72
N ASP C 54 -3.66 -17.39 -10.68
CA ASP C 54 -4.23 -17.92 -11.90
C ASP C 54 -5.64 -17.41 -11.99
N LYS C 55 -6.38 -17.74 -10.96
CA LYS C 55 -7.77 -17.35 -10.82
C LYS C 55 -8.05 -16.54 -9.54
N VAL C 56 -9.20 -15.88 -9.48
CA VAL C 56 -9.61 -15.16 -8.26
C VAL C 56 -11.10 -15.43 -8.03
N VAL C 57 -11.44 -15.89 -6.82
CA VAL C 57 -12.83 -16.18 -6.43
C VAL C 57 -13.42 -15.18 -5.43
N LEU C 58 -14.51 -14.53 -5.84
CA LEU C 58 -15.24 -13.66 -4.92
C LEU C 58 -16.64 -14.24 -4.66
N ASP C 59 -16.87 -14.77 -3.46
CA ASP C 59 -18.12 -15.44 -3.03
C ASP C 59 -18.43 -16.64 -3.80
N GLY C 60 -17.41 -17.32 -4.30
CA GLY C 60 -17.67 -18.51 -5.06
C GLY C 60 -17.72 -18.10 -6.51
N ARG C 61 -17.87 -16.80 -6.72
CA ARG C 61 -17.90 -16.32 -8.09
C ARG C 61 -16.48 -16.50 -8.59
N GLN C 62 -16.37 -17.37 -9.58
CA GLN C 62 -15.12 -17.82 -10.14
C GLN C 62 -14.64 -16.93 -11.28
N LEU C 63 -14.19 -15.75 -10.91
CA LEU C 63 -13.68 -14.77 -11.86
C LEU C 63 -12.32 -15.11 -12.51
N ASP C 64 -12.19 -14.83 -13.80
CA ASP C 64 -10.89 -14.94 -14.47
C ASP C 64 -10.25 -13.55 -14.52
N ASN C 65 -8.93 -13.52 -14.67
CA ASN C 65 -8.14 -12.28 -14.63
C ASN C 65 -8.60 -11.15 -15.54
N SER C 66 -9.04 -11.50 -16.75
CA SER C 66 -9.39 -10.49 -17.74
C SER C 66 -10.79 -9.91 -17.57
N ASP C 67 -11.43 -10.22 -16.44
CA ASP C 67 -12.80 -9.77 -16.18
C ASP C 67 -12.82 -8.67 -15.12
N PHE C 68 -11.64 -8.24 -14.70
CA PHE C 68 -11.52 -7.14 -13.75
C PHE C 68 -10.22 -6.41 -13.96
N ARG C 69 -10.15 -5.21 -13.38
CA ARG C 69 -8.94 -4.40 -13.39
C ARG C 69 -8.67 -3.81 -12.02
N VAL C 70 -7.39 -3.59 -11.76
CA VAL C 70 -6.98 -3.13 -10.44
C VAL C 70 -6.43 -1.72 -10.50
N PHE C 71 -6.86 -0.89 -9.56
CA PHE C 71 -6.41 0.49 -9.51
C PHE C 71 -5.50 0.67 -8.31
N GLU C 72 -4.33 1.24 -8.55
CA GLU C 72 -3.36 1.48 -7.50
C GLU C 72 -3.25 2.97 -7.23
N PHE C 73 -3.03 3.33 -5.97
CA PHE C 73 -3.04 4.72 -5.57
C PHE C 73 -1.69 5.23 -5.12
N GLU C 74 -1.54 6.55 -5.14
CA GLU C 74 -0.39 7.21 -4.56
C GLU C 74 -0.84 7.75 -3.22
N VAL C 75 0.10 7.95 -2.32
CA VAL C 75 -0.22 8.57 -1.04
C VAL C 75 0.89 9.56 -0.75
N LYS C 76 0.57 10.56 0.06
CA LYS C 76 1.55 11.55 0.45
C LYS C 76 2.01 11.22 1.86
N VAL C 77 3.24 10.73 1.97
CA VAL C 77 3.76 10.42 3.30
C VAL C 77 4.74 11.53 3.72
N LYS C 78 4.21 12.43 4.55
CA LYS C 78 4.92 13.63 4.95
C LYS C 78 5.42 14.38 3.72
N GLY C 79 4.58 14.43 2.69
CA GLY C 79 4.96 15.06 1.44
C GLY C 79 5.90 14.21 0.62
N GLN C 80 5.69 12.89 0.64
CA GLN C 80 6.45 11.99 -0.22
C GLN C 80 5.53 11.01 -0.96
N ASP C 81 6.03 10.47 -2.07
CA ASP C 81 5.17 9.74 -3.01
C ASP C 81 5.38 8.23 -2.86
N MET C 82 4.41 7.59 -2.22
CA MET C 82 4.42 6.15 -2.03
C MET C 82 3.08 5.57 -2.47
N MET C 83 3.02 4.28 -2.75
CA MET C 83 1.77 3.68 -3.19
C MET C 83 1.06 2.94 -2.07
N SER C 84 -0.16 3.38 -1.75
CA SER C 84 -0.98 2.75 -0.72
C SER C 84 -1.14 1.25 -0.95
N ASP C 85 -1.31 0.51 0.16
CA ASP C 85 -1.52 -0.93 0.10
C ASP C 85 -2.99 -1.25 -0.16
N ALA C 86 -3.84 -0.23 -0.08
CA ALA C 86 -5.24 -0.40 -0.40
C ALA C 86 -5.47 -0.15 -1.88
N ALA C 87 -5.71 -1.22 -2.63
CA ALA C 87 -5.97 -1.12 -4.05
C ALA C 87 -7.47 -1.17 -4.30
N LEU C 88 -7.87 -1.08 -5.56
CA LEU C 88 -9.28 -1.12 -5.90
C LEU C 88 -9.55 -2.08 -7.05
N MET C 89 -10.16 -3.20 -6.72
CA MET C 89 -10.51 -4.20 -7.73
C MET C 89 -11.89 -3.89 -8.29
N VAL C 90 -11.94 -3.55 -9.59
CA VAL C 90 -13.21 -3.24 -10.25
C VAL C 90 -13.57 -4.32 -11.25
N LEU C 91 -14.76 -4.89 -11.10
CA LEU C 91 -15.21 -5.97 -11.96
C LEU C 91 -15.75 -5.38 -13.26
N ASN C 92 -15.43 -5.99 -14.40
CA ASN C 92 -16.00 -5.54 -15.66
C ASN C 92 -17.51 -5.62 -15.61
N ARG C 93 -18.02 -6.74 -15.09
CA ARG C 93 -19.44 -6.89 -14.83
C ARG C 93 -19.66 -7.78 -13.61
N GLY C 94 -20.75 -7.52 -12.89
CA GLY C 94 -21.05 -8.24 -11.66
C GLY C 94 -22.27 -7.62 -11.02
N GLN C 95 -22.36 -7.69 -9.70
CA GLN C 95 -23.50 -7.15 -8.99
C GLN C 95 -23.13 -5.85 -8.29
N ARG C 96 -24.11 -4.96 -8.15
CA ARG C 96 -23.87 -3.67 -7.50
C ARG C 96 -23.73 -3.84 -6.00
N VAL C 97 -22.76 -3.13 -5.43
CA VAL C 97 -22.64 -3.06 -3.99
C VAL C 97 -23.11 -1.68 -3.58
N ARG C 98 -23.26 -1.47 -2.28
CA ARG C 98 -23.78 -0.21 -1.81
C ARG C 98 -22.72 0.87 -1.87
N ASP C 99 -23.18 2.10 -2.04
CA ASP C 99 -22.34 3.27 -1.93
C ASP C 99 -22.13 3.54 -0.45
N ILE C 100 -20.93 3.24 0.02
CA ILE C 100 -20.54 3.60 1.37
C ILE C 100 -19.41 4.62 1.33
N THR C 101 -19.19 5.21 0.15
CA THR C 101 -18.19 6.25 -0.01
C THR C 101 -18.58 7.49 0.81
N MET C 102 -19.84 7.58 1.18
CA MET C 102 -20.35 8.72 1.93
C MET C 102 -19.86 8.74 3.38
N HIS C 103 -19.24 7.66 3.83
CA HIS C 103 -18.91 7.55 5.25
C HIS C 103 -17.45 7.85 5.57
N PHE C 104 -16.58 7.71 4.57
CA PHE C 104 -15.16 7.99 4.75
C PHE C 104 -14.95 9.48 4.98
N ARG C 105 -13.72 9.84 5.34
CA ARG C 105 -13.32 11.25 5.45
C ARG C 105 -11.89 11.36 4.95
N ASP C 106 -11.26 12.50 5.19
CA ASP C 106 -9.89 12.74 4.74
C ASP C 106 -8.97 13.25 5.84
N GLN C 107 -9.31 14.41 6.41
CA GLN C 107 -8.48 15.04 7.43
C GLN C 107 -9.05 14.83 8.83
N VAL C 108 -9.22 13.58 9.21
CA VAL C 108 -9.83 13.25 10.50
C VAL C 108 -8.79 13.23 11.63
N HIS C 109 -9.12 13.91 12.73
CA HIS C 109 -8.24 13.98 13.88
C HIS C 109 -8.78 13.13 15.02
N ILE C 110 -8.24 11.92 15.15
CA ILE C 110 -8.69 10.98 16.18
C ILE C 110 -7.85 10.92 17.46
N LYS C 111 -8.55 10.75 18.57
CA LYS C 111 -7.95 10.65 19.89
C LYS C 111 -7.49 9.21 20.20
N LYS C 112 -6.53 9.08 21.10
CA LYS C 112 -5.98 7.77 21.49
C LYS C 112 -7.00 6.99 22.31
N GLY C 113 -6.84 5.67 22.35
CA GLY C 113 -7.69 4.84 23.18
C GLY C 113 -9.13 4.66 22.72
N THR C 114 -9.54 5.43 21.71
CA THR C 114 -10.92 5.34 21.21
C THR C 114 -11.14 3.99 20.52
N PRO C 115 -12.37 3.45 20.63
CA PRO C 115 -12.71 2.14 20.08
C PRO C 115 -12.52 2.04 18.57
N VAL C 116 -12.45 0.81 18.07
CA VAL C 116 -12.17 0.53 16.66
C VAL C 116 -12.79 -0.82 16.29
N LEU C 117 -13.51 -0.86 15.17
CA LEU C 117 -14.16 -2.09 14.74
C LEU C 117 -13.60 -2.59 13.42
N GLY C 118 -13.47 -3.90 13.30
CA GLY C 118 -12.90 -4.52 12.11
C GLY C 118 -13.81 -5.56 11.48
N VAL C 119 -14.68 -5.10 10.59
CA VAL C 119 -15.61 -5.99 9.90
C VAL C 119 -14.86 -6.95 8.97
N ILE C 120 -14.93 -8.24 9.26
CA ILE C 120 -14.21 -9.24 8.49
C ILE C 120 -15.15 -10.33 7.93
N ASN C 121 -14.89 -10.76 6.70
CA ASN C 121 -15.66 -11.82 6.09
C ASN C 121 -14.81 -12.67 5.14
N ASN C 122 -14.43 -13.86 5.59
CA ASN C 122 -13.65 -14.78 4.76
C ASN C 122 -14.03 -16.26 4.94
N ALA C 123 -13.25 -17.15 4.35
CA ALA C 123 -13.59 -18.57 4.33
C ALA C 123 -13.03 -19.32 5.54
N ASP C 124 -12.03 -18.72 6.17
CA ASP C 124 -11.44 -19.27 7.38
C ASP C 124 -12.37 -18.98 8.54
N VAL C 125 -12.52 -17.71 8.88
CA VAL C 125 -13.34 -17.35 10.02
C VAL C 125 -14.82 -17.18 9.68
N GLY C 126 -15.11 -16.40 8.66
CA GLY C 126 -16.48 -16.09 8.31
C GLY C 126 -16.82 -14.66 8.66
N ARG C 127 -18.11 -14.36 8.70
CA ARG C 127 -18.57 -13.01 9.01
C ARG C 127 -18.21 -12.63 10.46
N LEU C 128 -17.09 -11.94 10.63
CA LEU C 128 -16.59 -11.58 11.96
C LEU C 128 -16.43 -10.08 12.14
N ILE C 129 -16.57 -9.66 13.39
CA ILE C 129 -16.23 -8.32 13.83
C ILE C 129 -15.23 -8.46 14.97
N PHE C 130 -14.38 -7.45 15.15
CA PHE C 130 -13.51 -7.40 16.33
C PHE C 130 -13.41 -5.97 16.85
N SER C 131 -12.98 -5.83 18.09
CA SER C 131 -12.85 -4.52 18.71
C SER C 131 -11.40 -4.20 19.00
N GLY C 132 -11.11 -2.94 19.26
CA GLY C 132 -9.75 -2.52 19.53
C GLY C 132 -9.60 -1.12 20.08
N ASP C 133 -8.36 -0.70 20.23
CA ASP C 133 -8.03 0.61 20.79
C ASP C 133 -7.20 1.42 19.82
N ALA C 134 -7.55 2.70 19.68
CA ALA C 134 -6.86 3.60 18.75
C ALA C 134 -5.49 3.99 19.27
N LEU C 135 -4.47 3.85 18.43
CA LEU C 135 -3.12 4.27 18.83
C LEU C 135 -2.83 5.63 18.18
N THR C 136 -1.90 5.66 17.23
CA THR C 136 -1.60 6.90 16.50
C THR C 136 -1.33 6.59 15.02
N TYR C 137 -1.07 7.62 14.22
CA TYR C 137 -0.81 7.42 12.81
C TYR C 137 0.64 6.96 12.63
N LYS C 138 0.82 5.82 11.98
CA LYS C 138 2.15 5.31 11.68
C LYS C 138 2.47 5.47 10.19
N ASP C 139 3.71 5.83 9.91
CA ASP C 139 4.15 6.19 8.57
C ASP C 139 4.21 5.06 7.56
N VAL C 140 5.18 4.17 7.74
CA VAL C 140 5.40 3.07 6.82
C VAL C 140 5.67 1.78 7.59
N VAL C 141 5.17 0.66 7.06
CA VAL C 141 5.46 -0.65 7.63
C VAL C 141 5.83 -1.61 6.51
N VAL C 142 6.95 -2.30 6.67
CA VAL C 142 7.44 -3.21 5.66
C VAL C 142 7.34 -4.66 6.10
N ALA C 143 6.76 -5.50 5.24
CA ALA C 143 6.63 -6.92 5.52
C ALA C 143 7.96 -7.63 5.28
N MET C 144 7.98 -8.92 5.55
CA MET C 144 9.20 -9.72 5.40
C MET C 144 9.64 -9.79 3.95
N ASP C 145 8.68 -9.73 3.05
CA ASP C 145 8.95 -9.82 1.62
C ASP C 145 9.22 -8.44 1.02
N GLY C 146 9.03 -7.40 1.82
CA GLY C 146 9.32 -6.05 1.39
C GLY C 146 8.11 -5.28 0.94
N ASP C 147 6.92 -5.88 1.17
CA ASP C 147 5.67 -5.25 0.76
C ASP C 147 5.46 -4.01 1.60
N THR C 148 5.94 -2.89 1.09
CA THR C 148 5.87 -1.61 1.78
C THR C 148 4.42 -1.17 1.93
N MET C 149 4.08 -0.66 3.11
CA MET C 149 2.72 -0.26 3.41
C MET C 149 2.74 1.13 4.04
N PRO C 150 2.46 2.15 3.23
CA PRO C 150 2.56 3.56 3.62
C PRO C 150 1.26 4.12 4.18
N GLY C 151 1.38 5.19 4.97
CA GLY C 151 0.22 5.93 5.43
C GLY C 151 -0.74 5.11 6.29
N LEU C 152 -0.23 4.07 6.93
CA LEU C 152 -1.08 3.19 7.72
C LEU C 152 -1.57 3.87 8.99
N PHE C 153 -2.49 3.22 9.67
CA PHE C 153 -2.89 3.66 10.99
C PHE C 153 -2.96 2.49 11.98
N ALA C 154 -2.37 2.70 13.15
CA ALA C 154 -2.20 1.64 14.14
C ALA C 154 -3.36 1.53 15.13
N TYR C 155 -3.84 0.30 15.33
CA TYR C 155 -4.85 0.02 16.33
C TYR C 155 -4.52 -1.28 17.07
N ARG C 156 -4.92 -1.34 18.34
CA ARG C 156 -4.61 -2.47 19.20
C ARG C 156 -5.70 -3.53 19.20
N ALA C 157 -5.41 -4.70 18.61
CA ALA C 157 -6.37 -5.80 18.53
C ALA C 157 -5.71 -7.07 18.02
N GLY C 158 -6.38 -8.20 18.23
CA GLY C 158 -5.87 -9.47 17.76
C GLY C 158 -6.34 -9.73 16.34
N THR C 159 -5.38 -9.86 15.42
CA THR C 159 -5.67 -9.95 13.99
C THR C 159 -4.80 -10.99 13.30
N LYS C 160 -5.36 -12.16 13.05
CA LYS C 160 -4.63 -13.21 12.34
C LYS C 160 -4.57 -12.92 10.83
N VAL C 161 -4.07 -13.88 10.06
CA VAL C 161 -3.86 -13.67 8.63
C VAL C 161 -5.11 -14.05 7.85
N GLY C 162 -5.47 -13.19 6.89
CA GLY C 162 -6.72 -13.35 6.17
C GLY C 162 -7.69 -12.25 6.57
N TYR C 163 -7.18 -11.28 7.31
CA TYR C 163 -7.94 -10.10 7.72
C TYR C 163 -7.75 -8.95 6.75
N ALA C 164 -6.72 -9.06 5.93
CA ALA C 164 -6.39 -8.00 4.99
C ALA C 164 -7.58 -7.66 4.09
N GLY C 165 -7.86 -6.38 3.94
CA GLY C 165 -8.97 -5.93 3.13
C GLY C 165 -10.23 -5.65 3.92
N GLY C 166 -10.30 -6.15 5.15
CA GLY C 166 -11.45 -5.90 6.02
C GLY C 166 -11.64 -4.42 6.29
N ALA C 167 -12.83 -4.04 6.74
CA ALA C 167 -13.15 -2.63 6.92
C ALA C 167 -12.92 -2.18 8.37
N VAL C 168 -12.13 -1.13 8.53
CA VAL C 168 -11.83 -0.60 9.85
C VAL C 168 -12.57 0.70 10.09
N MET C 169 -13.37 0.75 11.15
CA MET C 169 -14.19 1.91 11.44
C MET C 169 -14.05 2.38 12.88
N THR C 170 -13.96 3.68 13.07
CA THR C 170 -14.00 4.27 14.40
C THR C 170 -15.06 5.37 14.40
N LYS C 171 -15.01 6.26 15.38
CA LYS C 171 -15.93 7.37 15.45
C LYS C 171 -15.25 8.74 15.53
N ASP C 172 -15.98 9.77 15.13
CA ASP C 172 -15.56 11.16 15.26
C ASP C 172 -16.78 12.03 15.53
N GLY C 173 -16.84 12.60 16.72
CA GLY C 173 -18.04 13.29 17.14
C GLY C 173 -19.15 12.27 17.24
N ALA C 174 -20.28 12.59 16.62
CA ALA C 174 -21.42 11.68 16.62
C ALA C 174 -21.44 10.71 15.45
N HIS C 175 -20.43 10.79 14.57
CA HIS C 175 -20.46 9.97 13.37
C HIS C 175 -19.45 8.83 13.42
N THR C 176 -19.79 7.74 12.73
CA THR C 176 -18.95 6.55 12.71
C THR C 176 -18.23 6.46 11.37
N VAL C 177 -16.95 6.79 11.37
CA VAL C 177 -16.20 6.94 10.14
C VAL C 177 -15.41 5.68 9.79
N ILE C 178 -15.40 5.35 8.50
CA ILE C 178 -14.55 4.28 7.99
C ILE C 178 -13.18 4.86 7.64
N ILE C 179 -12.13 4.24 8.14
CA ILE C 179 -10.78 4.78 7.98
C ILE C 179 -10.08 4.21 6.76
N GLY C 180 -10.22 2.90 6.58
CA GLY C 180 -9.60 2.22 5.46
C GLY C 180 -9.75 0.72 5.58
N THR C 181 -8.77 -0.01 5.07
CA THR C 181 -8.81 -1.46 5.13
C THR C 181 -7.62 -2.01 5.89
N HIS C 182 -7.86 -3.06 6.68
CA HIS C 182 -6.79 -3.71 7.41
C HIS C 182 -5.81 -4.28 6.40
N SER C 183 -4.51 -4.07 6.63
CA SER C 183 -3.50 -4.43 5.64
C SER C 183 -2.66 -5.60 6.12
N ALA C 184 -2.13 -5.48 7.34
CA ALA C 184 -1.30 -6.52 7.93
C ALA C 184 -1.18 -6.25 9.41
N GLY C 185 -0.66 -7.22 10.15
CA GLY C 185 -0.46 -7.03 11.57
C GLY C 185 0.24 -8.20 12.25
N GLY C 186 -0.39 -8.74 13.29
CA GLY C 186 0.29 -9.71 14.14
C GLY C 186 0.73 -8.92 15.36
N ASN C 187 1.40 -9.56 16.31
CA ASN C 187 1.94 -8.83 17.45
C ASN C 187 0.85 -8.05 18.22
N GLY C 188 -0.36 -8.62 18.27
CA GLY C 188 -1.46 -8.04 19.02
C GLY C 188 -1.81 -6.62 18.61
N VAL C 189 -1.30 -6.21 17.45
CA VAL C 189 -1.56 -4.89 16.91
C VAL C 189 -1.99 -4.99 15.46
N GLY C 190 -2.80 -4.04 15.00
CA GLY C 190 -3.31 -4.07 13.66
C GLY C 190 -3.10 -2.77 12.92
N TYR C 191 -3.10 -2.86 11.59
CA TYR C 191 -2.89 -1.70 10.73
C TYR C 191 -3.89 -1.65 9.60
N CYS C 192 -4.45 -0.46 9.39
CA CYS C 192 -5.36 -0.23 8.28
C CYS C 192 -4.72 0.76 7.32
N SER C 193 -4.90 0.53 6.04
CA SER C 193 -4.43 1.47 5.03
C SER C 193 -5.37 2.66 5.00
N CYS C 194 -4.90 3.80 5.50
CA CYS C 194 -5.73 5.00 5.54
C CYS C 194 -6.15 5.44 4.15
N VAL C 195 -7.46 5.52 3.94
CA VAL C 195 -7.99 5.89 2.63
C VAL C 195 -8.81 7.17 2.76
N SER C 196 -8.61 8.08 1.82
CA SER C 196 -9.30 9.36 1.86
C SER C 196 -10.58 9.27 1.04
N ARG C 197 -11.60 9.99 1.47
CA ARG C 197 -12.88 10.01 0.78
C ARG C 197 -12.76 10.69 -0.58
N SER C 198 -12.00 11.79 -0.62
CA SER C 198 -11.79 12.53 -1.86
C SER C 198 -11.29 11.61 -2.96
N SER C 199 -10.34 10.75 -2.63
CA SER C 199 -9.81 9.82 -3.61
C SER C 199 -10.90 8.88 -4.10
N LEU C 200 -11.72 8.38 -3.17
CA LEU C 200 -12.81 7.48 -3.53
C LEU C 200 -13.86 8.13 -4.43
N LEU C 201 -14.13 9.42 -4.20
CA LEU C 201 -15.15 10.13 -4.96
C LEU C 201 -14.69 10.46 -6.38
N GLN C 202 -13.41 10.80 -6.50
CA GLN C 202 -12.82 11.20 -7.78
C GLN C 202 -12.63 10.03 -8.72
N LEU C 203 -12.77 8.83 -8.19
CA LEU C 203 -12.65 7.64 -9.01
C LEU C 203 -14.07 7.15 -9.30
N LYS C 204 -14.99 7.52 -8.41
CA LYS C 204 -16.40 7.21 -8.63
C LYS C 204 -16.85 8.00 -9.86
N ALA C 205 -16.32 9.20 -10.03
CA ALA C 205 -16.59 10.01 -11.22
C ALA C 205 -16.26 9.26 -12.52
N HIS C 206 -15.09 8.65 -12.58
CA HIS C 206 -14.61 8.03 -13.81
C HIS C 206 -15.16 6.62 -14.05
N ILE C 207 -16.01 6.13 -13.15
CA ILE C 207 -16.63 4.82 -13.32
C ILE C 207 -18.11 4.79 -12.93
N ASP C 208 -18.44 5.42 -11.80
CA ASP C 208 -19.81 5.46 -11.26
C ASP C 208 -20.30 4.08 -10.83
N ASP D 8 40.41 0.52 11.71
CA ASP D 8 39.83 0.44 10.39
C ASP D 8 38.29 0.38 10.46
N LEU D 9 37.75 -0.83 10.53
CA LEU D 9 36.33 -1.11 10.74
C LEU D 9 35.60 -0.48 11.98
N GLN D 10 36.10 -0.76 13.19
CA GLN D 10 35.52 -0.19 14.41
C GLN D 10 35.24 1.33 14.35
N LYS D 11 36.16 2.10 13.80
CA LYS D 11 36.02 3.54 13.76
C LYS D 11 35.00 4.00 12.73
N MET D 12 34.95 3.33 11.58
CA MET D 12 34.00 3.73 10.53
C MET D 12 32.53 3.63 10.95
N VAL D 13 32.22 2.74 11.89
CA VAL D 13 30.87 2.64 12.44
C VAL D 13 30.56 3.82 13.37
N MET D 14 31.52 4.21 14.20
CA MET D 14 31.37 5.39 15.05
C MET D 14 30.99 6.56 14.17
N ALA D 15 31.66 6.64 13.02
CA ALA D 15 31.33 7.61 11.98
C ALA D 15 29.84 7.58 11.63
N ASN D 16 29.20 6.41 11.73
CA ASN D 16 27.76 6.31 11.50
C ASN D 16 26.88 6.51 12.74
N VAL D 17 27.39 6.17 13.92
CA VAL D 17 26.61 6.29 15.15
C VAL D 17 26.47 7.75 15.59
N LYS D 18 25.25 8.14 15.97
CA LYS D 18 24.95 9.54 16.24
C LYS D 18 23.97 9.76 17.39
N PRO D 19 24.17 10.86 18.14
CA PRO D 19 23.33 11.26 19.29
C PRO D 19 21.92 11.70 18.88
N VAL D 20 20.91 11.09 19.49
CA VAL D 20 19.52 11.48 19.26
C VAL D 20 18.93 11.99 20.56
N GLU D 21 17.96 12.87 20.46
CA GLU D 21 17.28 13.40 21.64
C GLU D 21 15.84 13.63 21.24
N LEU D 22 14.95 13.53 22.21
CA LEU D 22 13.54 13.82 21.97
C LEU D 22 13.11 14.96 22.87
N ILE D 23 12.65 16.05 22.27
CA ILE D 23 12.26 17.20 23.06
C ILE D 23 10.75 17.31 23.07
N LEU D 24 10.21 17.85 24.15
CA LEU D 24 8.76 17.98 24.27
C LEU D 24 8.40 19.09 25.25
N ASP D 25 7.68 20.09 24.75
CA ASP D 25 7.25 21.23 25.56
C ASP D 25 8.42 21.89 26.27
N GLY D 26 9.58 21.89 25.62
CA GLY D 26 10.78 22.49 26.19
C GLY D 26 11.58 21.49 26.99
N LYS D 27 10.92 20.43 27.44
CA LYS D 27 11.56 19.42 28.29
C LYS D 27 12.05 18.20 27.51
N THR D 28 13.35 17.94 27.61
CA THR D 28 13.96 16.77 26.97
C THR D 28 13.45 15.49 27.61
N VAL D 29 12.55 14.79 26.92
CA VAL D 29 11.93 13.60 27.47
C VAL D 29 12.78 12.34 27.31
N ALA D 30 13.47 12.21 26.18
CA ALA D 30 14.25 11.00 25.93
C ALA D 30 15.61 11.32 25.32
N LEU D 31 16.40 10.27 25.09
CA LEU D 31 17.78 10.46 24.66
C LEU D 31 18.37 9.08 24.32
N CYS D 32 18.97 8.95 23.14
CA CYS D 32 19.58 7.67 22.73
C CYS D 32 20.52 7.82 21.54
N CYS D 33 20.82 6.70 20.89
CA CYS D 33 21.69 6.70 19.72
C CYS D 33 20.96 6.30 18.45
N ALA D 34 21.60 6.56 17.30
CA ALA D 34 21.13 6.09 16.01
C ALA D 34 22.31 5.86 15.08
N THR D 35 22.22 4.81 14.26
CA THR D 35 23.33 4.42 13.39
C THR D 35 23.00 4.56 11.92
N GLY D 36 23.85 5.26 11.19
CA GLY D 36 23.69 5.37 9.75
C GLY D 36 23.91 4.04 9.07
N VAL D 37 23.07 3.74 8.09
CA VAL D 37 23.18 2.49 7.36
C VAL D 37 23.36 2.78 5.87
N PHE D 38 22.65 3.79 5.39
CA PHE D 38 22.81 4.29 4.03
C PHE D 38 22.00 5.56 3.84
N GLY D 39 22.45 6.43 2.92
CA GLY D 39 21.77 7.67 2.62
C GLY D 39 21.43 8.51 3.83
N THR D 40 20.13 8.63 4.12
CA THR D 40 19.68 9.32 5.31
C THR D 40 18.88 8.37 6.20
N ALA D 41 19.20 7.08 6.10
CA ALA D 41 18.52 6.06 6.89
C ALA D 41 19.31 5.71 8.14
N TYR D 42 18.66 5.84 9.28
CA TYR D 42 19.28 5.56 10.57
C TYR D 42 18.47 4.52 11.34
N LEU D 43 19.15 3.48 11.81
CA LEU D 43 18.51 2.49 12.67
C LEU D 43 18.20 3.12 14.02
N VAL D 44 16.97 2.95 14.47
CA VAL D 44 16.49 3.64 15.67
C VAL D 44 15.64 2.72 16.55
N PRO D 45 15.71 2.94 17.87
CA PRO D 45 14.90 2.18 18.84
C PRO D 45 13.43 2.53 18.70
N ARG D 46 12.66 1.62 18.10
CA ARG D 46 11.25 1.84 17.81
C ARG D 46 10.42 2.23 19.04
N HIS D 47 10.70 1.61 20.17
CA HIS D 47 9.95 1.81 21.40
C HIS D 47 10.12 3.22 21.99
N LEU D 48 10.75 4.10 21.23
CA LEU D 48 10.94 5.50 21.61
C LEU D 48 10.03 6.41 20.80
N PHE D 49 9.78 6.03 19.56
CA PHE D 49 8.86 6.79 18.70
C PHE D 49 7.39 6.47 18.99
N ALA D 50 7.14 5.42 19.77
CA ALA D 50 5.79 5.12 20.21
C ALA D 50 5.27 6.22 21.14
N GLU D 51 5.92 6.37 22.28
CA GLU D 51 5.60 7.47 23.20
C GLU D 51 5.88 8.81 22.54
N LYS D 52 5.11 9.82 22.92
CA LYS D 52 5.04 11.07 22.16
C LYS D 52 6.30 11.91 22.18
N TYR D 53 6.39 12.75 21.16
CA TYR D 53 7.45 13.74 21.02
C TYR D 53 6.86 14.90 20.23
N ASP D 54 7.46 16.07 20.37
CA ASP D 54 7.08 17.21 19.57
C ASP D 54 8.17 17.37 18.54
N LYS D 55 9.38 17.52 19.03
CA LYS D 55 10.51 17.66 18.16
C LYS D 55 11.51 16.54 18.44
N VAL D 56 12.47 16.37 17.53
CA VAL D 56 13.52 15.36 17.71
C VAL D 56 14.83 15.99 17.30
N VAL D 57 15.84 15.88 18.17
CA VAL D 57 17.14 16.44 17.86
C VAL D 57 18.14 15.37 17.48
N LEU D 58 18.62 15.44 16.24
CA LEU D 58 19.65 14.54 15.77
C LEU D 58 20.92 15.34 15.52
N ASP D 59 21.88 15.19 16.44
CA ASP D 59 23.15 15.90 16.38
C ASP D 59 23.01 17.42 16.38
N GLY D 60 21.99 17.93 17.05
CA GLY D 60 21.80 19.37 17.14
C GLY D 60 20.87 19.85 16.06
N ARG D 61 20.71 19.04 15.01
CA ARG D 61 19.81 19.37 13.91
C ARG D 61 18.39 19.23 14.42
N GLN D 62 17.67 20.35 14.41
CA GLN D 62 16.35 20.39 15.00
C GLN D 62 15.19 20.09 14.05
N LEU D 63 15.07 18.83 13.65
CA LEU D 63 13.98 18.36 12.79
C LEU D 63 12.60 18.31 13.46
N ASP D 64 11.57 18.58 12.67
CA ASP D 64 10.18 18.46 13.06
C ASP D 64 9.65 17.06 12.71
N ASN D 65 8.52 16.69 13.30
CA ASN D 65 7.89 15.38 13.07
C ASN D 65 7.75 15.13 11.57
N SER D 66 7.41 16.18 10.82
CA SER D 66 7.13 16.08 9.40
C SER D 66 8.39 16.10 8.53
N ASP D 67 9.55 15.96 9.16
CA ASP D 67 10.81 16.10 8.43
C ASP D 67 11.52 14.76 8.21
N PHE D 68 10.92 13.68 8.70
CA PHE D 68 11.47 12.34 8.57
C PHE D 68 10.31 11.36 8.64
N ARG D 69 10.51 10.13 8.20
CA ARG D 69 9.47 9.12 8.34
C ARG D 69 10.07 7.82 8.81
N VAL D 70 9.27 7.01 9.51
CA VAL D 70 9.78 5.83 10.18
C VAL D 70 9.31 4.52 9.56
N PHE D 71 10.23 3.59 9.39
CA PHE D 71 9.94 2.29 8.83
C PHE D 71 10.04 1.22 9.91
N GLU D 72 8.99 0.44 10.03
CA GLU D 72 8.96 -0.66 10.98
C GLU D 72 8.95 -1.99 10.23
N PHE D 73 9.66 -2.97 10.79
CA PHE D 73 9.86 -4.24 10.11
C PHE D 73 9.21 -5.40 10.84
N GLU D 74 8.99 -6.48 10.09
CA GLU D 74 8.57 -7.74 10.69
C GLU D 74 9.79 -8.64 10.78
N VAL D 75 9.72 -9.65 11.64
CA VAL D 75 10.80 -10.60 11.79
C VAL D 75 10.21 -11.99 11.86
N LYS D 76 10.96 -13.00 11.44
CA LYS D 76 10.49 -14.36 11.51
C LYS D 76 11.14 -15.03 12.72
N VAL D 77 10.34 -15.21 13.76
CA VAL D 77 10.84 -15.89 14.95
C VAL D 77 10.24 -17.29 14.99
N LYS D 78 11.06 -18.26 14.58
CA LYS D 78 10.65 -19.64 14.45
C LYS D 78 9.40 -19.78 13.58
N GLY D 79 9.34 -19.00 12.51
CA GLY D 79 8.17 -19.01 11.64
C GLY D 79 6.99 -18.29 12.26
N GLN D 80 7.25 -17.20 12.98
CA GLN D 80 6.19 -16.35 13.49
C GLN D 80 6.46 -14.88 13.23
N ASP D 81 5.40 -14.08 13.18
CA ASP D 81 5.51 -12.71 12.69
C ASP D 81 5.45 -11.67 13.80
N MET D 82 6.60 -11.11 14.15
CA MET D 82 6.66 -10.03 15.13
C MET D 82 7.43 -8.82 14.59
N MET D 83 7.20 -7.68 15.23
CA MET D 83 7.78 -6.42 14.77
C MET D 83 9.02 -6.06 15.55
N SER D 84 10.15 -5.99 14.85
CA SER D 84 11.43 -5.65 15.47
C SER D 84 11.37 -4.32 16.20
N ASP D 85 12.17 -4.21 17.25
CA ASP D 85 12.24 -2.98 18.03
C ASP D 85 13.22 -2.04 17.35
N ALA D 86 13.93 -2.56 16.35
CA ALA D 86 14.82 -1.75 15.54
C ALA D 86 14.06 -1.17 14.35
N ALA D 87 13.78 0.13 14.40
CA ALA D 87 13.06 0.79 13.32
C ALA D 87 14.04 1.52 12.39
N LEU D 88 13.50 2.19 11.37
CA LEU D 88 14.34 2.91 10.42
C LEU D 88 13.83 4.33 10.18
N MET D 89 14.56 5.29 10.73
CA MET D 89 14.25 6.70 10.52
C MET D 89 14.97 7.25 9.30
N VAL D 90 14.20 7.62 8.28
CA VAL D 90 14.77 8.20 7.07
C VAL D 90 14.42 9.68 6.94
N LEU D 91 15.45 10.49 6.75
CA LEU D 91 15.28 11.93 6.66
C LEU D 91 14.82 12.31 5.26
N ASN D 92 13.88 13.25 5.19
CA ASN D 92 13.44 13.79 3.90
C ASN D 92 14.62 14.40 3.18
N ARG D 93 15.40 15.19 3.91
CA ARG D 93 16.65 15.73 3.40
C ARG D 93 17.67 15.85 4.53
N GLY D 94 18.95 15.74 4.19
CA GLY D 94 20.01 15.79 5.18
C GLY D 94 21.36 15.50 4.55
N GLN D 95 22.27 14.94 5.34
CA GLN D 95 23.60 14.61 4.84
C GLN D 95 23.74 13.11 4.62
N ARG D 96 24.55 12.75 3.63
CA ARG D 96 24.74 11.36 3.26
C ARG D 96 25.58 10.62 4.29
N VAL D 97 25.13 9.42 4.66
CA VAL D 97 25.94 8.56 5.49
C VAL D 97 26.48 7.44 4.63
N ARG D 98 27.42 6.69 5.17
CA ARG D 98 28.03 5.63 4.40
C ARG D 98 27.19 4.35 4.41
N ASP D 99 27.34 3.57 3.34
CA ASP D 99 26.72 2.25 3.26
C ASP D 99 27.54 1.31 4.11
N ILE D 100 26.97 0.88 5.23
CA ILE D 100 27.58 -0.17 6.02
C ILE D 100 26.67 -1.38 5.98
N THR D 101 25.72 -1.33 5.04
CA THR D 101 24.80 -2.44 4.80
C THR D 101 25.56 -3.68 4.36
N MET D 102 26.76 -3.46 3.85
CA MET D 102 27.61 -4.52 3.33
C MET D 102 28.18 -5.43 4.43
N HIS D 103 27.99 -5.05 5.69
CA HIS D 103 28.64 -5.75 6.78
C HIS D 103 27.72 -6.70 7.55
N PHE D 104 26.41 -6.45 7.50
CA PHE D 104 25.44 -7.30 8.16
C PHE D 104 25.34 -8.67 7.50
N ARG D 105 24.61 -9.60 8.14
CA ARG D 105 24.34 -10.90 7.55
C ARG D 105 22.92 -11.35 7.87
N ASP D 106 22.63 -12.63 7.64
CA ASP D 106 21.29 -13.18 7.86
C ASP D 106 21.27 -14.47 8.70
N GLN D 107 21.94 -15.50 8.23
CA GLN D 107 21.93 -16.83 8.87
C GLN D 107 23.20 -17.11 9.68
N VAL D 108 23.49 -16.27 10.66
CA VAL D 108 24.72 -16.36 11.46
C VAL D 108 24.65 -17.32 12.67
N HIS D 109 25.67 -18.17 12.80
CA HIS D 109 25.79 -19.03 13.98
C HIS D 109 26.94 -18.51 14.81
N ILE D 110 26.61 -17.75 15.84
CA ILE D 110 27.62 -17.16 16.69
C ILE D 110 27.88 -18.02 17.92
N LYS D 111 29.16 -18.18 18.26
CA LYS D 111 29.56 -19.00 19.40
C LYS D 111 29.53 -18.21 20.70
N LYS D 112 29.38 -18.93 21.79
CA LYS D 112 29.29 -18.34 23.11
C LYS D 112 30.64 -17.80 23.56
N GLY D 113 30.63 -16.87 24.50
CA GLY D 113 31.84 -16.32 25.09
C GLY D 113 32.66 -15.37 24.23
N THR D 114 32.32 -15.29 22.94
CA THR D 114 33.04 -14.41 22.02
C THR D 114 32.78 -12.94 22.32
N PRO D 115 33.79 -12.09 22.09
CA PRO D 115 33.68 -10.65 22.35
C PRO D 115 32.56 -9.99 21.55
N VAL D 116 32.15 -8.81 21.99
CA VAL D 116 31.03 -8.08 21.40
C VAL D 116 31.28 -6.61 21.67
N LEU D 117 31.12 -5.78 20.64
CA LEU D 117 31.38 -4.36 20.81
C LEU D 117 30.12 -3.55 20.60
N GLY D 118 29.94 -2.51 21.42
CA GLY D 118 28.76 -1.69 21.35
C GLY D 118 29.09 -0.21 21.17
N VAL D 119 29.24 0.20 19.91
CA VAL D 119 29.55 1.59 19.57
C VAL D 119 28.41 2.53 19.93
N ILE D 120 28.67 3.45 20.85
CA ILE D 120 27.67 4.38 21.33
C ILE D 120 28.12 5.83 21.12
N ASN D 121 27.19 6.69 20.73
CA ASN D 121 27.44 8.11 20.57
C ASN D 121 26.17 8.84 20.99
N ASN D 122 26.23 9.47 22.17
CA ASN D 122 25.05 10.13 22.72
C ASN D 122 25.36 11.47 23.41
N ALA D 123 24.34 12.07 24.02
CA ALA D 123 24.45 13.39 24.62
C ALA D 123 24.80 13.32 26.10
N ASP D 124 24.54 12.16 26.70
CA ASP D 124 24.91 11.95 28.09
C ASP D 124 26.39 11.68 28.18
N VAL D 125 26.78 10.52 27.67
CA VAL D 125 28.17 10.12 27.76
C VAL D 125 29.04 10.60 26.59
N GLY D 126 28.58 10.39 25.36
CA GLY D 126 29.38 10.74 24.19
C GLY D 126 29.87 9.56 23.38
N ARG D 127 30.87 9.81 22.53
CA ARG D 127 31.42 8.78 21.64
C ARG D 127 32.07 7.63 22.41
N LEU D 128 31.30 6.56 22.58
CA LEU D 128 31.70 5.41 23.39
C LEU D 128 31.75 4.09 22.66
N ILE D 129 32.61 3.21 23.13
CA ILE D 129 32.56 1.81 22.74
C ILE D 129 32.53 1.04 24.06
N PHE D 130 31.98 -0.17 24.04
CA PHE D 130 32.09 -1.05 25.20
C PHE D 130 32.32 -2.47 24.73
N SER D 131 32.79 -3.32 25.64
CA SER D 131 33.06 -4.71 25.28
C SER D 131 32.11 -5.62 26.03
N GLY D 132 32.00 -6.87 25.58
CA GLY D 132 31.10 -7.81 26.22
C GLY D 132 31.32 -9.24 25.78
N ASP D 133 30.46 -10.12 26.28
CA ASP D 133 30.60 -11.54 26.01
C ASP D 133 29.32 -12.09 25.39
N ALA D 134 29.47 -12.93 24.38
CA ALA D 134 28.32 -13.49 23.68
C ALA D 134 27.62 -14.53 24.54
N LEU D 135 26.30 -14.37 24.64
CA LEU D 135 25.45 -15.32 25.35
C LEU D 135 24.76 -16.23 24.35
N THR D 136 23.43 -16.10 24.24
CA THR D 136 22.68 -16.88 23.27
C THR D 136 21.56 -16.04 22.66
N TYR D 137 20.82 -16.63 21.73
CA TYR D 137 19.72 -15.93 21.09
C TYR D 137 18.49 -15.96 21.98
N LYS D 138 17.96 -14.77 22.26
CA LYS D 138 16.71 -14.69 23.01
C LYS D 138 15.59 -14.33 22.06
N ASP D 139 14.46 -15.00 22.23
CA ASP D 139 13.35 -14.85 21.30
C ASP D 139 12.67 -13.51 21.49
N VAL D 140 12.00 -13.36 22.62
CA VAL D 140 11.24 -12.17 22.91
C VAL D 140 11.49 -11.73 24.35
N VAL D 141 11.55 -10.42 24.57
CA VAL D 141 11.67 -9.88 25.91
C VAL D 141 10.64 -8.77 26.06
N VAL D 142 9.83 -8.86 27.11
CA VAL D 142 8.79 -7.86 27.34
C VAL D 142 9.13 -7.02 28.55
N ALA D 143 9.06 -5.70 28.40
CA ALA D 143 9.33 -4.80 29.51
C ALA D 143 8.13 -4.75 30.44
N MET D 144 8.28 -4.04 31.57
CA MET D 144 7.21 -3.93 32.54
C MET D 144 6.05 -3.14 31.95
N ASP D 145 6.37 -2.24 31.03
CA ASP D 145 5.37 -1.40 30.40
C ASP D 145 4.80 -2.06 29.15
N GLY D 146 5.41 -3.17 28.76
CA GLY D 146 4.93 -3.93 27.62
C GLY D 146 5.71 -3.74 26.34
N ASP D 147 6.86 -3.06 26.42
CA ASP D 147 7.66 -2.84 25.22
C ASP D 147 8.25 -4.16 24.74
N THR D 148 7.49 -4.86 23.90
CA THR D 148 7.91 -6.15 23.36
C THR D 148 9.09 -5.98 22.41
N MET D 149 10.08 -6.84 22.54
CA MET D 149 11.28 -6.78 21.73
C MET D 149 11.63 -8.19 21.25
N PRO D 150 11.31 -8.49 19.99
CA PRO D 150 11.42 -9.83 19.40
C PRO D 150 12.75 -10.10 18.71
N GLY D 151 13.10 -11.38 18.55
CA GLY D 151 14.25 -11.77 17.76
C GLY D 151 15.55 -11.20 18.27
N LEU D 152 15.58 -10.88 19.56
CA LEU D 152 16.74 -10.22 20.14
C LEU D 152 17.96 -11.11 20.25
N PHE D 153 19.09 -10.49 20.59
CA PHE D 153 20.26 -11.29 20.94
C PHE D 153 20.94 -10.78 22.21
N ALA D 154 21.22 -11.71 23.12
CA ALA D 154 21.73 -11.40 24.45
C ALA D 154 23.27 -11.42 24.54
N TYR D 155 23.82 -10.40 25.19
CA TYR D 155 25.26 -10.30 25.47
C TYR D 155 25.50 -9.76 26.87
N ARG D 156 26.60 -10.18 27.48
CA ARG D 156 26.94 -9.79 28.85
C ARG D 156 27.83 -8.55 28.89
N ALA D 157 27.28 -7.43 29.37
CA ALA D 157 28.02 -6.17 29.46
C ALA D 157 27.24 -5.13 30.23
N GLY D 158 27.93 -4.06 30.65
CA GLY D 158 27.27 -2.98 31.36
C GLY D 158 26.72 -1.97 30.37
N THR D 159 25.41 -1.76 30.44
CA THR D 159 24.70 -0.94 29.46
C THR D 159 23.67 -0.03 30.12
N LYS D 160 24.01 1.24 30.30
CA LYS D 160 23.08 2.21 30.85
C LYS D 160 21.99 2.60 29.85
N VAL D 161 21.15 3.55 30.22
CA VAL D 161 20.04 3.97 29.36
C VAL D 161 20.49 5.12 28.47
N GLY D 162 20.16 5.02 27.19
CA GLY D 162 20.63 5.97 26.21
C GLY D 162 21.67 5.30 25.34
N TYR D 163 21.79 3.99 25.50
CA TYR D 163 22.67 3.17 24.68
C TYR D 163 21.87 2.60 23.53
N ALA D 164 20.55 2.68 23.65
CA ALA D 164 19.64 2.19 22.63
C ALA D 164 19.93 2.86 21.30
N GLY D 165 19.96 2.06 20.23
CA GLY D 165 20.23 2.58 18.92
C GLY D 165 21.69 2.43 18.55
N GLY D 166 22.53 2.19 19.56
CA GLY D 166 23.94 1.97 19.35
C GLY D 166 24.21 0.76 18.47
N ALA D 167 25.41 0.71 17.89
CA ALA D 167 25.74 -0.34 16.95
C ALA D 167 26.46 -1.49 17.63
N VAL D 168 25.91 -2.69 17.49
CA VAL D 168 26.55 -3.85 18.09
C VAL D 168 27.15 -4.85 17.11
N MET D 169 28.43 -5.12 17.34
CA MET D 169 29.24 -5.97 16.48
C MET D 169 29.92 -7.08 17.24
N THR D 170 29.93 -8.26 16.63
CA THR D 170 30.67 -9.39 17.13
C THR D 170 31.52 -9.88 15.99
N LYS D 171 31.99 -11.12 16.06
CA LYS D 171 32.78 -11.66 14.98
C LYS D 171 32.16 -12.94 14.44
N ASP D 172 32.46 -13.24 13.17
CA ASP D 172 32.03 -14.48 12.55
C ASP D 172 33.07 -14.85 11.51
N GLY D 173 33.79 -15.94 11.77
CA GLY D 173 34.94 -16.29 10.95
C GLY D 173 36.01 -15.22 11.09
N ALA D 174 36.55 -14.76 9.96
CA ALA D 174 37.58 -13.73 9.99
C ALA D 174 36.97 -12.34 9.92
N HIS D 175 35.65 -12.27 9.85
CA HIS D 175 34.99 -10.99 9.70
C HIS D 175 34.29 -10.58 10.97
N THR D 176 34.24 -9.28 11.22
CA THR D 176 33.56 -8.75 12.39
C THR D 176 32.26 -8.07 11.92
N VAL D 177 31.15 -8.75 12.18
CA VAL D 177 29.85 -8.44 11.61
C VAL D 177 28.99 -7.55 12.53
N ILE D 178 28.23 -6.64 11.94
CA ILE D 178 27.25 -5.89 12.70
C ILE D 178 25.97 -6.73 12.79
N ILE D 179 25.49 -6.92 14.01
CA ILE D 179 24.37 -7.82 14.27
C ILE D 179 23.05 -7.08 14.28
N GLY D 180 23.05 -5.92 14.89
CA GLY D 180 21.87 -5.09 15.00
C GLY D 180 22.13 -3.91 15.90
N THR D 181 21.08 -3.44 16.59
CA THR D 181 21.21 -2.31 17.50
C THR D 181 20.82 -2.66 18.93
N HIS D 182 21.52 -2.08 19.89
CA HIS D 182 21.19 -2.27 21.31
C HIS D 182 19.79 -1.73 21.53
N SER D 183 18.96 -2.50 22.24
CA SER D 183 17.55 -2.16 22.39
C SER D 183 17.23 -1.76 23.82
N ALA D 184 17.64 -2.60 24.75
CA ALA D 184 17.42 -2.36 26.17
C ALA D 184 18.32 -3.29 26.97
N GLY D 185 18.43 -3.03 28.26
CA GLY D 185 19.23 -3.88 29.11
C GLY D 185 19.20 -3.48 30.57
N GLY D 186 20.39 -3.26 31.10
CA GLY D 186 20.58 -3.05 32.52
C GLY D 186 21.07 -4.36 33.10
N ASN D 187 21.39 -4.35 34.39
CA ASN D 187 21.78 -5.55 35.14
C ASN D 187 22.92 -6.38 34.52
N GLY D 188 23.92 -5.71 33.95
CA GLY D 188 25.08 -6.36 33.37
C GLY D 188 24.80 -7.28 32.20
N VAL D 189 23.60 -7.15 31.61
CA VAL D 189 23.28 -7.90 30.42
C VAL D 189 22.71 -6.94 29.38
N GLY D 190 22.96 -7.23 28.10
CA GLY D 190 22.50 -6.36 27.03
C GLY D 190 21.78 -7.13 25.95
N TYR D 191 20.93 -6.41 25.21
CA TYR D 191 20.14 -7.03 24.15
C TYR D 191 20.15 -6.23 22.86
N CYS D 192 20.33 -6.95 21.74
CA CYS D 192 20.20 -6.31 20.44
C CYS D 192 19.11 -6.87 19.59
N SER D 193 18.46 -5.95 18.89
CA SER D 193 17.49 -6.32 17.91
C SER D 193 18.34 -6.83 16.75
N CYS D 194 18.36 -8.15 16.61
CA CYS D 194 19.11 -8.80 15.56
C CYS D 194 18.56 -8.35 14.23
N VAL D 195 19.43 -7.77 13.39
CA VAL D 195 18.98 -7.21 12.13
C VAL D 195 19.62 -7.92 10.94
N SER D 196 18.81 -8.30 9.96
CA SER D 196 19.28 -9.07 8.82
C SER D 196 19.62 -8.20 7.62
N ARG D 197 20.62 -8.63 6.85
CA ARG D 197 21.06 -7.90 5.67
C ARG D 197 19.98 -7.92 4.60
N SER D 198 19.32 -9.06 4.44
CA SER D 198 18.27 -9.22 3.44
C SER D 198 17.21 -8.14 3.59
N SER D 199 16.80 -7.88 4.82
CA SER D 199 15.83 -6.84 5.11
C SER D 199 16.41 -5.47 4.78
N LEU D 200 17.68 -5.29 5.15
CA LEU D 200 18.39 -4.05 4.94
C LEU D 200 18.55 -3.65 3.48
N LEU D 201 18.79 -4.64 2.62
CA LEU D 201 18.97 -4.39 1.19
C LEU D 201 17.68 -4.11 0.44
N GLN D 202 16.61 -4.80 0.84
CA GLN D 202 15.31 -4.69 0.18
C GLN D 202 14.63 -3.37 0.50
N LEU D 203 15.19 -2.64 1.45
CA LEU D 203 14.68 -1.34 1.81
C LEU D 203 15.56 -0.27 1.16
N LYS D 204 16.82 -0.63 0.93
CA LYS D 204 17.75 0.21 0.21
C LYS D 204 17.27 0.35 -1.22
N ALA D 205 16.73 -0.74 -1.75
CA ALA D 205 16.12 -0.74 -3.07
C ALA D 205 15.05 0.35 -3.22
N HIS D 206 14.17 0.44 -2.22
CA HIS D 206 13.03 1.34 -2.32
C HIS D 206 13.33 2.80 -1.94
N ILE D 207 14.60 3.10 -1.64
CA ILE D 207 14.99 4.48 -1.34
C ILE D 207 16.33 4.86 -1.97
N ASP D 208 17.30 3.96 -1.90
CA ASP D 208 18.63 4.18 -2.46
C ASP D 208 19.39 5.33 -1.81
N ASP E 8 -11.71 -28.35 43.66
CA ASP E 8 -12.46 -27.75 42.57
C ASP E 8 -11.56 -26.86 41.73
N LEU E 9 -11.27 -25.68 42.26
CA LEU E 9 -10.22 -24.85 41.69
C LEU E 9 -8.93 -25.67 41.61
N GLN E 10 -8.52 -26.29 42.71
CA GLN E 10 -7.32 -27.16 42.72
C GLN E 10 -7.26 -28.06 41.49
N LYS E 11 -8.41 -28.58 41.07
CA LYS E 11 -8.42 -29.46 39.93
C LYS E 11 -8.21 -28.83 38.56
N MET E 12 -8.80 -27.65 38.37
CA MET E 12 -8.68 -26.94 37.10
C MET E 12 -7.25 -26.55 36.78
N VAL E 13 -6.45 -26.34 37.82
CA VAL E 13 -5.03 -26.04 37.61
C VAL E 13 -4.20 -27.28 37.22
N MET E 14 -4.38 -28.44 37.88
CA MET E 14 -3.65 -29.66 37.47
C MET E 14 -3.97 -30.00 36.01
N ALA E 15 -5.21 -29.78 35.58
CA ALA E 15 -5.55 -29.92 34.15
C ALA E 15 -4.57 -29.14 33.24
N ASN E 16 -4.05 -28.01 33.75
CA ASN E 16 -3.09 -27.21 33.01
C ASN E 16 -1.63 -27.64 33.21
N VAL E 17 -1.32 -28.23 34.36
CA VAL E 17 0.05 -28.66 34.62
C VAL E 17 0.37 -29.88 33.75
N LYS E 18 1.53 -29.86 33.10
CA LYS E 18 1.87 -30.89 32.13
C LYS E 18 3.34 -31.28 32.20
N PRO E 19 3.63 -32.57 31.96
CA PRO E 19 4.99 -33.09 31.96
C PRO E 19 5.79 -32.58 30.77
N VAL E 20 6.95 -32.00 31.06
CA VAL E 20 7.84 -31.57 29.99
C VAL E 20 9.15 -32.33 30.15
N GLU E 21 9.86 -32.49 29.04
CA GLU E 21 11.15 -33.14 29.07
C GLU E 21 12.04 -32.47 28.04
N LEU E 22 13.34 -32.49 28.31
CA LEU E 22 14.30 -31.97 27.36
C LEU E 22 15.17 -33.14 26.96
N ILE E 23 15.13 -33.47 25.68
CA ILE E 23 15.85 -34.62 25.16
C ILE E 23 17.00 -34.10 24.33
N LEU E 24 18.07 -34.88 24.21
CA LEU E 24 19.22 -34.42 23.44
C LEU E 24 20.00 -35.59 22.87
N ASP E 25 20.05 -35.65 21.55
CA ASP E 25 20.73 -36.71 20.81
C ASP E 25 20.23 -38.08 21.29
N GLY E 26 18.94 -38.15 21.58
CA GLY E 26 18.31 -39.37 22.05
C GLY E 26 18.30 -39.44 23.57
N LYS E 27 19.17 -38.67 24.20
CA LYS E 27 19.36 -38.69 25.65
C LYS E 27 18.57 -37.59 26.36
N THR E 28 17.68 -37.97 27.27
CA THR E 28 16.92 -37.00 28.06
C THR E 28 17.81 -36.22 29.04
N VAL E 29 18.09 -34.96 28.74
CA VAL E 29 19.00 -34.16 29.58
C VAL E 29 18.30 -33.58 30.82
N ALA E 30 17.08 -33.11 30.65
CA ALA E 30 16.35 -32.48 31.74
C ALA E 30 14.88 -32.93 31.79
N LEU E 31 14.16 -32.42 32.78
CA LEU E 31 12.80 -32.85 33.06
C LEU E 31 12.18 -31.96 34.13
N CYS E 32 10.97 -31.48 33.88
CA CYS E 32 10.25 -30.65 34.86
C CYS E 32 8.77 -30.56 34.50
N CYS E 33 8.11 -29.55 35.05
CA CYS E 33 6.69 -29.32 34.80
C CYS E 33 6.46 -28.01 34.06
N ALA E 34 5.26 -27.83 33.52
CA ALA E 34 4.85 -26.56 32.94
C ALA E 34 3.35 -26.36 33.12
N THR E 35 2.95 -25.12 33.39
CA THR E 35 1.56 -24.82 33.68
C THR E 35 0.92 -23.94 32.61
N GLY E 36 -0.20 -24.41 32.06
CA GLY E 36 -0.97 -23.62 31.13
C GLY E 36 -1.62 -22.44 31.80
N VAL E 37 -1.61 -21.30 31.14
CA VAL E 37 -2.25 -20.10 31.68
C VAL E 37 -3.32 -19.59 30.74
N PHE E 38 -3.10 -19.75 29.43
CA PHE E 38 -4.10 -19.44 28.41
C PHE E 38 -3.62 -19.94 27.05
N GLY E 39 -4.56 -20.29 26.19
CA GLY E 39 -4.27 -20.75 24.84
C GLY E 39 -3.21 -21.82 24.76
N THR E 40 -2.07 -21.45 24.20
CA THR E 40 -0.92 -22.36 24.11
C THR E 40 0.27 -21.77 24.85
N ALA E 41 -0.01 -20.97 25.88
CA ALA E 41 1.02 -20.34 26.68
C ALA E 41 1.32 -21.15 27.93
N TYR E 42 2.59 -21.51 28.12
CA TYR E 42 2.99 -22.33 29.26
C TYR E 42 4.09 -21.68 30.08
N LEU E 43 3.86 -21.58 31.39
CA LEU E 43 4.88 -21.11 32.30
C LEU E 43 5.97 -22.17 32.46
N VAL E 44 7.22 -21.75 32.28
CA VAL E 44 8.34 -22.67 32.25
C VAL E 44 9.55 -22.08 32.97
N PRO E 45 10.36 -22.96 33.60
CA PRO E 45 11.59 -22.54 34.27
C PRO E 45 12.63 -22.06 33.26
N ARG E 46 12.83 -20.75 33.19
CA ARG E 46 13.74 -20.13 32.22
C ARG E 46 15.14 -20.74 32.27
N HIS E 47 15.63 -21.03 33.47
CA HIS E 47 16.99 -21.54 33.65
C HIS E 47 17.22 -22.94 33.08
N LEU E 48 16.23 -23.47 32.38
CA LEU E 48 16.36 -24.79 31.77
C LEU E 48 16.55 -24.63 30.28
N PHE E 49 15.90 -23.62 29.72
CA PHE E 49 16.00 -23.32 28.31
C PHE E 49 17.29 -22.56 28.03
N ALA E 50 17.95 -22.13 29.10
CA ALA E 50 19.29 -21.57 29.00
C ALA E 50 20.23 -22.67 28.52
N GLU E 51 20.34 -23.74 29.30
CA GLU E 51 21.10 -24.90 28.88
C GLU E 51 20.47 -25.49 27.61
N LYS E 52 21.32 -26.06 26.75
CA LYS E 52 20.91 -26.41 25.39
C LYS E 52 19.94 -27.60 25.29
N TYR E 53 19.22 -27.66 24.17
CA TYR E 53 18.31 -28.77 23.90
C TYR E 53 18.23 -28.97 22.38
N ASP E 54 17.86 -30.17 21.93
CA ASP E 54 17.60 -30.35 20.51
C ASP E 54 16.10 -30.43 20.32
N LYS E 55 15.49 -31.32 21.10
CA LYS E 55 14.06 -31.50 21.03
C LYS E 55 13.42 -31.24 22.39
N VAL E 56 12.10 -31.09 22.39
CA VAL E 56 11.38 -30.89 23.64
C VAL E 56 10.14 -31.75 23.65
N VAL E 57 9.97 -32.51 24.72
CA VAL E 57 8.77 -33.33 24.83
C VAL E 57 7.78 -32.74 25.81
N LEU E 58 6.62 -32.35 25.30
CA LEU E 58 5.53 -31.87 26.13
C LEU E 58 4.33 -32.79 26.06
N ASP E 59 4.04 -33.51 27.14
CA ASP E 59 2.89 -34.40 27.19
C ASP E 59 2.97 -35.46 26.11
N GLY E 60 4.19 -35.85 25.77
CA GLY E 60 4.37 -36.85 24.76
C GLY E 60 4.52 -36.14 23.42
N ARG E 61 4.07 -34.90 23.32
CA ARG E 61 4.21 -34.18 22.06
C ARG E 61 5.66 -33.81 21.79
N GLN E 62 6.15 -34.27 20.64
CA GLN E 62 7.54 -34.14 20.26
C GLN E 62 7.87 -32.83 19.52
N LEU E 63 7.93 -31.72 20.27
CA LEU E 63 8.27 -30.41 19.69
C LEU E 63 9.67 -30.32 19.14
N ASP E 64 9.78 -29.63 18.02
CA ASP E 64 11.03 -29.28 17.39
C ASP E 64 11.40 -27.89 17.85
N ASN E 65 12.68 -27.53 17.70
CA ASN E 65 13.15 -26.22 18.17
C ASN E 65 12.30 -25.10 17.60
N SER E 66 11.86 -25.26 16.36
CA SER E 66 11.11 -24.24 15.65
C SER E 66 9.58 -24.25 15.89
N ASP E 67 9.08 -25.01 16.87
CA ASP E 67 7.62 -25.13 17.01
C ASP E 67 7.02 -24.37 18.19
N PHE E 68 7.84 -23.63 18.91
CA PHE E 68 7.37 -22.84 20.05
C PHE E 68 8.30 -21.65 20.25
N ARG E 69 7.85 -20.63 20.97
CA ARG E 69 8.73 -19.51 21.27
C ARG E 69 8.58 -19.06 22.72
N VAL E 70 9.67 -18.55 23.28
CA VAL E 70 9.74 -18.26 24.71
C VAL E 70 9.83 -16.77 25.02
N PHE E 71 9.05 -16.33 26.01
CA PHE E 71 9.00 -14.93 26.39
C PHE E 71 9.63 -14.72 27.76
N GLU E 72 10.57 -13.78 27.85
CA GLU E 72 11.18 -13.49 29.13
C GLU E 72 10.75 -12.10 29.58
N PHE E 73 10.44 -11.99 30.88
CA PHE E 73 9.95 -10.74 31.43
C PHE E 73 10.88 -10.25 32.54
N GLU E 74 10.78 -8.97 32.86
CA GLU E 74 11.50 -8.40 33.98
C GLU E 74 10.58 -8.23 35.19
N VAL E 75 11.16 -8.12 36.39
CA VAL E 75 10.39 -7.97 37.62
C VAL E 75 11.00 -6.85 38.44
N LYS E 76 10.20 -6.23 39.30
CA LYS E 76 10.69 -5.14 40.13
C LYS E 76 11.02 -5.65 41.52
N VAL E 77 12.31 -5.73 41.81
CA VAL E 77 12.72 -6.12 43.14
C VAL E 77 13.17 -4.84 43.82
N LYS E 78 12.29 -4.34 44.68
CA LYS E 78 12.50 -3.10 45.39
C LYS E 78 12.81 -1.93 44.45
N GLY E 79 12.06 -1.90 43.34
CA GLY E 79 12.20 -0.89 42.31
C GLY E 79 13.43 -1.09 41.44
N GLN E 80 13.79 -2.33 41.20
CA GLN E 80 14.86 -2.63 40.24
C GLN E 80 14.44 -3.76 39.32
N ASP E 81 14.99 -3.77 38.11
CA ASP E 81 14.46 -4.63 37.07
C ASP E 81 15.34 -5.83 36.76
N MET E 82 14.87 -7.00 37.18
CA MET E 82 15.59 -8.25 36.94
C MET E 82 14.70 -9.22 36.17
N MET E 83 15.30 -10.22 35.55
CA MET E 83 14.54 -11.12 34.68
C MET E 83 14.17 -12.40 35.40
N SER E 84 12.86 -12.58 35.52
CA SER E 84 12.27 -13.72 36.20
C SER E 84 12.72 -15.06 35.64
N ASP E 85 12.75 -16.04 36.53
CA ASP E 85 13.09 -17.41 36.17
C ASP E 85 11.86 -18.12 35.62
N ALA E 86 10.71 -17.47 35.74
CA ALA E 86 9.48 -17.98 35.14
C ALA E 86 9.35 -17.40 33.75
N ALA E 87 9.57 -18.25 32.74
CA ALA E 87 9.46 -17.82 31.35
C ALA E 87 8.09 -18.21 30.79
N LEU E 88 7.87 -17.91 29.51
CA LEU E 88 6.60 -18.24 28.88
C LEU E 88 6.80 -18.94 27.55
N MET E 89 6.55 -20.25 27.55
CA MET E 89 6.66 -21.03 26.32
C MET E 89 5.33 -21.02 25.59
N VAL E 90 5.30 -20.38 24.43
CA VAL E 90 4.10 -20.31 23.63
C VAL E 90 4.26 -21.13 22.36
N LEU E 91 3.34 -22.07 22.15
CA LEU E 91 3.40 -22.94 20.98
C LEU E 91 2.87 -22.23 19.76
N ASN E 92 3.55 -22.43 18.64
CA ASN E 92 3.10 -21.91 17.36
C ASN E 92 1.73 -22.50 17.04
N ARG E 93 1.58 -23.80 17.28
CA ARG E 93 0.30 -24.46 17.14
C ARG E 93 0.18 -25.58 18.17
N GLY E 94 -1.04 -25.84 18.63
CA GLY E 94 -1.27 -26.85 19.65
C GLY E 94 -2.70 -26.89 20.13
N GLN E 95 -2.89 -27.28 21.38
CA GLN E 95 -4.22 -27.40 21.98
C GLN E 95 -4.48 -26.25 22.94
N ARG E 96 -5.74 -25.84 23.04
CA ARG E 96 -6.11 -24.75 23.92
C ARG E 96 -6.09 -25.22 25.38
N VAL E 97 -5.53 -24.40 26.26
CA VAL E 97 -5.67 -24.65 27.68
C VAL E 97 -6.61 -23.60 28.24
N ARG E 98 -7.04 -23.79 29.49
CA ARG E 98 -8.00 -22.88 30.10
C ARG E 98 -7.29 -21.62 30.59
N ASP E 99 -8.03 -20.50 30.60
CA ASP E 99 -7.53 -19.27 31.19
C ASP E 99 -7.65 -19.37 32.71
N ILE E 100 -6.50 -19.47 33.38
CA ILE E 100 -6.48 -19.42 34.83
C ILE E 100 -5.76 -18.14 35.27
N THR E 101 -5.56 -17.25 34.32
CA THR E 101 -4.98 -15.94 34.59
C THR E 101 -5.85 -15.09 35.50
N MET E 102 -7.12 -15.46 35.59
CA MET E 102 -8.08 -14.72 36.41
C MET E 102 -7.81 -14.87 37.91
N HIS E 103 -6.90 -15.77 38.26
CA HIS E 103 -6.64 -16.13 39.66
C HIS E 103 -5.37 -15.51 40.23
N PHE E 104 -4.43 -15.12 39.36
CA PHE E 104 -3.21 -14.51 39.85
C PHE E 104 -3.56 -13.19 40.52
N ARG E 105 -2.60 -12.59 41.22
CA ARG E 105 -2.79 -11.26 41.77
C ARG E 105 -1.49 -10.51 41.61
N ASP E 106 -1.40 -9.35 42.24
CA ASP E 106 -0.23 -8.49 42.10
C ASP E 106 0.27 -8.02 43.46
N GLN E 107 -0.63 -7.40 44.21
CA GLN E 107 -0.29 -6.83 45.52
C GLN E 107 -0.72 -7.77 46.64
N VAL E 108 -0.26 -9.02 46.56
CA VAL E 108 -0.67 -10.03 47.54
C VAL E 108 0.22 -10.03 48.79
N HIS E 109 -0.43 -10.00 49.95
CA HIS E 109 0.26 -10.07 51.24
C HIS E 109 -0.02 -11.38 51.98
N ILE E 110 0.94 -12.30 51.96
CA ILE E 110 0.74 -13.59 52.62
C ILE E 110 1.29 -13.57 54.05
N LYS E 111 0.53 -14.11 54.99
CA LYS E 111 0.97 -14.23 56.37
C LYS E 111 1.75 -15.54 56.53
N LYS E 112 2.60 -15.59 57.54
CA LYS E 112 3.45 -16.75 57.77
C LYS E 112 2.63 -17.95 58.24
N GLY E 113 3.17 -19.16 58.07
CA GLY E 113 2.53 -20.38 58.53
C GLY E 113 1.32 -20.83 57.75
N THR E 114 0.82 -19.99 56.86
CA THR E 114 -0.34 -20.33 56.04
C THR E 114 0.02 -21.42 55.04
N PRO E 115 -0.94 -22.31 54.74
CA PRO E 115 -0.71 -23.46 53.86
C PRO E 115 -0.25 -23.06 52.45
N VAL E 116 0.29 -24.02 51.72
CA VAL E 116 0.85 -23.80 50.39
C VAL E 116 0.73 -25.09 49.60
N LEU E 117 0.22 -25.01 48.38
CA LEU E 117 0.04 -26.21 47.57
C LEU E 117 0.90 -26.19 46.32
N GLY E 118 1.45 -27.35 45.97
CA GLY E 118 2.34 -27.45 44.83
C GLY E 118 1.92 -28.51 43.84
N VAL E 119 1.03 -28.14 42.93
CA VAL E 119 0.55 -29.04 41.89
C VAL E 119 1.68 -29.39 40.91
N ILE E 120 2.06 -30.67 40.89
CA ILE E 120 3.17 -31.12 40.05
C ILE E 120 2.74 -32.24 39.10
N ASN E 121 3.23 -32.20 37.87
CA ASN E 121 2.95 -33.25 36.89
C ASN E 121 4.13 -33.42 35.94
N ASN E 122 4.90 -34.49 36.12
CA ASN E 122 6.03 -34.79 35.23
C ASN E 122 6.20 -36.28 34.97
N ALA E 123 7.32 -36.65 34.35
CA ALA E 123 7.54 -38.03 33.92
C ALA E 123 8.19 -38.89 35.00
N ASP E 124 8.80 -38.24 36.00
CA ASP E 124 9.41 -38.96 37.10
C ASP E 124 8.32 -39.44 38.05
N VAL E 125 7.69 -38.50 38.74
CA VAL E 125 6.66 -38.79 39.74
C VAL E 125 5.24 -38.90 39.17
N GLY E 126 4.81 -37.94 38.36
CA GLY E 126 3.46 -37.95 37.84
C GLY E 126 2.60 -36.86 38.47
N ARG E 127 1.28 -37.00 38.33
CA ARG E 127 0.34 -36.01 38.87
C ARG E 127 0.39 -35.96 40.39
N LEU E 128 1.18 -35.03 40.92
CA LEU E 128 1.40 -34.94 42.36
C LEU E 128 1.06 -33.57 42.93
N ILE E 129 0.68 -33.56 44.21
CA ILE E 129 0.48 -32.34 44.97
C ILE E 129 1.39 -32.40 46.19
N PHE E 130 1.77 -31.25 46.73
CA PHE E 130 2.44 -31.26 48.03
C PHE E 130 1.95 -30.08 48.89
N SER E 131 2.18 -30.18 50.19
CA SER E 131 1.76 -29.13 51.11
C SER E 131 3.00 -28.48 51.70
N GLY E 132 2.81 -27.31 52.28
CA GLY E 132 3.93 -26.61 52.86
C GLY E 132 3.52 -25.44 53.73
N ASP E 133 4.49 -24.68 54.19
CA ASP E 133 4.21 -23.58 55.09
C ASP E 133 4.74 -22.31 54.46
N ALA E 134 3.93 -21.26 54.49
CA ALA E 134 4.35 -20.01 53.87
C ALA E 134 5.40 -19.32 54.74
N LEU E 135 6.51 -18.91 54.13
CA LEU E 135 7.55 -18.16 54.84
C LEU E 135 7.48 -16.67 54.52
N THR E 136 8.48 -16.17 53.80
CA THR E 136 8.49 -14.77 53.40
C THR E 136 9.03 -14.55 51.99
N TYR E 137 9.02 -13.30 51.55
CA TYR E 137 9.54 -12.93 50.24
C TYR E 137 11.04 -12.77 50.32
N LYS E 138 11.75 -13.51 49.48
CA LYS E 138 13.19 -13.34 49.38
C LYS E 138 13.47 -12.66 48.05
N ASP E 139 14.41 -11.72 48.07
CA ASP E 139 14.65 -10.86 46.91
C ASP E 139 15.25 -11.63 45.74
N VAL E 140 16.50 -12.06 45.89
CA VAL E 140 17.18 -12.75 44.82
C VAL E 140 17.95 -13.94 45.38
N VAL E 141 17.97 -15.05 44.63
CA VAL E 141 18.75 -16.22 45.02
C VAL E 141 19.57 -16.69 43.83
N VAL E 142 20.86 -16.87 44.04
CA VAL E 142 21.77 -17.28 42.99
C VAL E 142 22.23 -18.71 43.22
N ALA E 143 22.16 -19.55 42.18
CA ALA E 143 22.61 -20.94 42.31
C ALA E 143 24.14 -20.99 42.23
N MET E 144 24.71 -22.16 42.45
CA MET E 144 26.16 -22.32 42.42
C MET E 144 26.68 -22.09 41.01
N ASP E 145 25.82 -22.38 40.04
CA ASP E 145 26.16 -22.28 38.63
C ASP E 145 25.88 -20.88 38.09
N GLY E 146 25.22 -20.06 38.91
CA GLY E 146 24.95 -18.69 38.56
C GLY E 146 23.54 -18.46 38.07
N ASP E 147 22.70 -19.49 38.18
CA ASP E 147 21.32 -19.36 37.75
C ASP E 147 20.57 -18.42 38.68
N THR E 148 20.61 -17.13 38.37
CA THR E 148 19.98 -16.10 39.19
C THR E 148 18.47 -16.23 39.17
N MET E 149 17.86 -16.06 40.34
CA MET E 149 16.42 -16.18 40.48
C MET E 149 15.87 -15.03 41.32
N PRO E 150 15.29 -14.01 40.64
CA PRO E 150 14.82 -12.80 41.33
C PRO E 150 13.36 -12.90 41.76
N GLY E 151 12.98 -12.11 42.76
CA GLY E 151 11.58 -11.97 43.16
C GLY E 151 10.88 -13.23 43.64
N LEU E 152 11.66 -14.17 44.16
CA LEU E 152 11.12 -15.45 44.62
C LEU E 152 10.27 -15.36 45.88
N PHE E 153 9.63 -16.46 46.21
CA PHE E 153 8.94 -16.63 47.48
C PHE E 153 9.27 -17.96 48.15
N ALA E 154 9.63 -17.88 49.42
CA ALA E 154 10.11 -19.04 50.16
C ALA E 154 8.98 -19.76 50.88
N TYR E 155 8.95 -21.08 50.72
CA TYR E 155 8.00 -21.92 51.45
C TYR E 155 8.67 -23.18 51.95
N ARG E 156 8.18 -23.71 53.07
CA ARG E 156 8.77 -24.87 53.71
C ARG E 156 8.12 -26.16 53.22
N ALA E 157 8.87 -26.95 52.46
CA ALA E 157 8.36 -28.21 51.92
C ALA E 157 9.46 -29.04 51.28
N GLY E 158 9.19 -30.33 51.09
CA GLY E 158 10.12 -31.22 50.43
C GLY E 158 9.92 -31.23 48.93
N THR E 159 10.96 -30.84 48.20
CA THR E 159 10.89 -30.64 46.75
C THR E 159 12.12 -31.18 46.04
N LYS E 160 12.00 -32.36 45.44
CA LYS E 160 13.10 -32.93 44.66
C LYS E 160 13.21 -32.22 43.31
N VAL E 161 14.07 -32.73 42.44
CA VAL E 161 14.34 -32.07 41.16
C VAL E 161 13.38 -32.59 40.08
N GLY E 162 12.84 -31.67 39.29
CA GLY E 162 11.82 -32.00 38.31
C GLY E 162 10.47 -31.45 38.72
N TYR E 163 10.47 -30.65 39.78
CA TYR E 163 9.27 -29.97 40.25
C TYR E 163 9.16 -28.58 39.67
N ALA E 164 10.26 -28.10 39.09
CA ALA E 164 10.31 -26.76 38.52
C ALA E 164 9.22 -26.58 37.46
N GLY E 165 8.54 -25.43 37.51
CA GLY E 165 7.47 -25.15 36.56
C GLY E 165 6.10 -25.47 37.13
N GLY E 166 6.07 -26.26 38.19
CA GLY E 166 4.83 -26.60 38.86
C GLY E 166 4.11 -25.37 39.39
N ALA E 167 2.83 -25.52 39.67
CA ALA E 167 2.00 -24.40 40.11
C ALA E 167 1.90 -24.32 41.62
N VAL E 168 2.19 -23.14 42.17
CA VAL E 168 2.12 -22.93 43.62
C VAL E 168 0.88 -22.13 44.01
N MET E 169 0.09 -22.67 44.93
CA MET E 169 -1.14 -22.01 45.33
C MET E 169 -1.19 -21.85 46.84
N THR E 170 -1.64 -20.67 47.27
CA THR E 170 -1.84 -20.38 48.68
C THR E 170 -3.25 -19.84 48.87
N LYS E 171 -3.45 -19.13 49.98
CA LYS E 171 -4.73 -18.49 50.22
C LYS E 171 -4.51 -17.00 50.44
N ASP E 172 -5.55 -16.21 50.13
CA ASP E 172 -5.53 -14.78 50.40
C ASP E 172 -6.94 -14.31 50.67
N GLY E 173 -7.22 -13.96 51.92
CA GLY E 173 -8.59 -13.67 52.33
C GLY E 173 -9.43 -14.91 52.17
N ALA E 174 -10.57 -14.75 51.51
CA ALA E 174 -11.47 -15.87 51.23
C ALA E 174 -11.10 -16.48 49.88
N HIS E 175 -10.05 -15.99 49.26
CA HIS E 175 -9.70 -16.41 47.92
C HIS E 175 -8.51 -17.36 47.92
N THR E 176 -8.51 -18.30 46.98
CA THR E 176 -7.42 -19.25 46.88
C THR E 176 -6.60 -18.88 45.66
N VAL E 177 -5.51 -18.16 45.90
CA VAL E 177 -4.71 -17.56 44.84
C VAL E 177 -3.46 -18.38 44.52
N ILE E 178 -3.16 -18.49 43.23
CA ILE E 178 -1.92 -19.04 42.73
C ILE E 178 -0.87 -17.92 42.59
N ILE E 179 0.33 -18.17 43.10
CA ILE E 179 1.36 -17.14 43.19
C ILE E 179 2.29 -17.12 42.00
N GLY E 180 2.70 -18.29 41.55
CA GLY E 180 3.62 -18.41 40.43
C GLY E 180 4.05 -19.85 40.21
N THR E 181 5.28 -20.04 39.76
CA THR E 181 5.79 -21.38 39.53
C THR E 181 7.02 -21.71 40.36
N HIS E 182 7.10 -22.96 40.81
CA HIS E 182 8.25 -23.43 41.56
C HIS E 182 9.49 -23.37 40.69
N SER E 183 10.58 -22.85 41.26
CA SER E 183 11.79 -22.58 40.48
C SER E 183 12.93 -23.52 40.87
N ALA E 184 13.22 -23.59 42.16
CA ALA E 184 14.28 -24.45 42.68
C ALA E 184 14.14 -24.60 44.20
N GLY E 185 14.90 -25.52 44.78
CA GLY E 185 14.89 -25.70 46.21
C GLY E 185 15.88 -26.72 46.73
N GLY E 186 15.38 -27.71 47.48
CA GLY E 186 16.23 -28.64 48.21
C GLY E 186 16.25 -28.20 49.66
N ASN E 187 16.94 -28.96 50.52
CA ASN E 187 17.09 -28.57 51.92
C ASN E 187 15.77 -28.29 52.64
N GLY E 188 14.75 -29.05 52.29
CA GLY E 188 13.44 -28.95 52.91
C GLY E 188 12.77 -27.60 52.77
N VAL E 189 13.28 -26.77 51.86
CA VAL E 189 12.69 -25.47 51.58
C VAL E 189 12.50 -25.31 50.07
N GLY E 190 11.47 -24.55 49.68
CA GLY E 190 11.17 -24.37 48.28
C GLY E 190 11.02 -22.91 47.90
N TYR E 191 11.20 -22.61 46.63
CA TYR E 191 11.12 -21.24 46.13
C TYR E 191 10.28 -21.18 44.87
N CYS E 192 9.35 -20.23 44.82
CA CYS E 192 8.54 -20.04 43.64
C CYS E 192 8.81 -18.68 43.02
N SER E 193 8.83 -18.63 41.69
CA SER E 193 8.96 -17.37 40.97
C SER E 193 7.63 -16.64 41.00
N CYS E 194 7.57 -15.57 41.81
CA CYS E 194 6.34 -14.79 41.96
C CYS E 194 5.92 -14.21 40.62
N VAL E 195 4.70 -14.53 40.19
CA VAL E 195 4.20 -14.08 38.90
C VAL E 195 2.97 -13.21 39.09
N SER E 196 2.97 -12.04 38.46
CA SER E 196 1.88 -11.09 38.62
C SER E 196 0.84 -11.25 37.52
N ARG E 197 -0.42 -11.00 37.86
CA ARG E 197 -1.50 -11.12 36.89
C ARG E 197 -1.41 -10.02 35.83
N SER E 198 -1.08 -8.81 36.28
CA SER E 198 -0.94 -7.66 35.39
C SER E 198 0.03 -8.01 34.26
N SER E 199 1.12 -8.67 34.63
CA SER E 199 2.09 -9.10 33.63
C SER E 199 1.46 -10.10 32.68
N LEU E 200 0.72 -11.06 33.23
CA LEU E 200 0.06 -12.05 32.40
C LEU E 200 -0.98 -11.44 31.49
N LEU E 201 -1.65 -10.41 31.97
CA LEU E 201 -2.69 -9.76 31.17
C LEU E 201 -2.07 -8.96 30.03
N GLN E 202 -0.91 -8.34 30.27
CA GLN E 202 -0.28 -7.54 29.22
C GLN E 202 0.34 -8.44 28.15
N LEU E 203 0.42 -9.74 28.45
CA LEU E 203 0.91 -10.71 27.47
C LEU E 203 -0.25 -11.45 26.81
N LYS E 204 -1.36 -11.57 27.53
CA LYS E 204 -2.58 -12.17 26.97
C LYS E 204 -3.17 -11.33 25.87
N ALA E 205 -3.16 -10.02 26.06
CA ALA E 205 -3.55 -9.08 25.02
C ALA E 205 -2.69 -9.38 23.81
N HIS E 206 -1.42 -9.65 24.09
CA HIS E 206 -0.40 -9.82 23.07
C HIS E 206 -0.33 -11.19 22.37
N ILE E 207 -1.20 -12.12 22.74
CA ILE E 207 -1.27 -13.41 22.02
C ILE E 207 -2.72 -13.85 21.86
N ASP E 208 -3.48 -13.73 22.95
CA ASP E 208 -4.89 -14.12 23.01
C ASP E 208 -5.12 -15.62 22.83
#